data_7Y2B
# 
_entry.id   7Y2B 
# 
_audit_conform.dict_name       mmcif_pdbx.dic 
_audit_conform.dict_version    5.380 
_audit_conform.dict_location   http://mmcif.pdb.org/dictionaries/ascii/mmcif_pdbx.dic 
# 
loop_
_database_2.database_id 
_database_2.database_code 
_database_2.pdbx_database_accession 
_database_2.pdbx_DOI 
PDB   7Y2B         pdb_00007y2b 10.2210/pdb7y2b/pdb 
WWPDB D_1300030127 ?            ?                   
# 
_pdbx_database_status.status_code                     REL 
_pdbx_database_status.status_code_sf                  REL 
_pdbx_database_status.status_code_mr                  ? 
_pdbx_database_status.entry_id                        7Y2B 
_pdbx_database_status.recvd_initial_deposition_date   2022-06-09 
_pdbx_database_status.SG_entry                        N 
_pdbx_database_status.deposit_site                    PDBJ 
_pdbx_database_status.process_site                    PDBJ 
_pdbx_database_status.status_code_cs                  ? 
_pdbx_database_status.status_code_nmr_data            ? 
_pdbx_database_status.methods_development_category    ? 
_pdbx_database_status.pdb_format_compatible           Y 
# 
loop_
_audit_author.name 
_audit_author.pdbx_ordinal 
_audit_author.identifier_ORCID 
'Wang, S.C.'    1 ? 
'Satange, R.B.' 2 ? 
'Hou, M.H.'     3 ? 
# 
_citation.abstract                  ? 
_citation.abstract_id_CAS           ? 
_citation.book_id_ISBN              ? 
_citation.book_publisher            ? 
_citation.book_publisher_city       ? 
_citation.book_title                ? 
_citation.coordinate_linkage        ? 
_citation.country                   US 
_citation.database_id_Medline       ? 
_citation.details                   ? 
_citation.id                        primary 
_citation.journal_abbrev            J.Biol.Chem. 
_citation.journal_id_ASTM           JBCHA3 
_citation.journal_id_CSD            0071 
_citation.journal_id_ISSN           1083-351X 
_citation.journal_full              ? 
_citation.journal_issue             ? 
_citation.journal_volume            299 
_citation.language                  ? 
_citation.page_first                104864 
_citation.page_last                 104864 
_citation.title                     
'Structural basis for water modulating RNA duplex formation in the CUG repeats of myotonic dystrophy type 1.' 
_citation.year                      2023 
_citation.database_id_CSD           ? 
_citation.pdbx_database_id_DOI      10.1016/j.jbc.2023.104864 
_citation.pdbx_database_id_PubMed   37245780 
_citation.pdbx_database_id_patent   ? 
_citation.unpublished_flag          ? 
# 
loop_
_citation_author.citation_id 
_citation_author.name 
_citation_author.ordinal 
_citation_author.identifier_ORCID 
primary 'Wang, S.C.'  1 ? 
primary 'Chen, Y.T.'  2 ? 
primary 'Satange, R.' 3 ? 
primary 'Chu, J.W.'   4 ? 
primary 'Hou, M.H.'   5 ? 
# 
_cell.angle_alpha                  90.000 
_cell.angle_alpha_esd              ? 
_cell.angle_beta                   90.000 
_cell.angle_beta_esd               ? 
_cell.angle_gamma                  120.000 
_cell.angle_gamma_esd              ? 
_cell.entry_id                     7Y2B 
_cell.details                      ? 
_cell.formula_units_Z              ? 
_cell.length_a                     49.262 
_cell.length_a_esd                 ? 
_cell.length_b                     49.262 
_cell.length_b_esd                 ? 
_cell.length_c                     36.140 
_cell.length_c_esd                 ? 
_cell.volume                       ? 
_cell.volume_esd                   ? 
_cell.Z_PDB                        6 
_cell.reciprocal_angle_alpha       ? 
_cell.reciprocal_angle_beta        ? 
_cell.reciprocal_angle_gamma       ? 
_cell.reciprocal_angle_alpha_esd   ? 
_cell.reciprocal_angle_beta_esd    ? 
_cell.reciprocal_angle_gamma_esd   ? 
_cell.reciprocal_length_a          ? 
_cell.reciprocal_length_b          ? 
_cell.reciprocal_length_c          ? 
_cell.reciprocal_length_a_esd      ? 
_cell.reciprocal_length_b_esd      ? 
_cell.reciprocal_length_c_esd      ? 
_cell.pdbx_unique_axis             ? 
_cell.pdbx_esd_method              ? 
# 
_symmetry.entry_id                         7Y2B 
_symmetry.cell_setting                     ? 
_symmetry.Int_Tables_number                154 
_symmetry.space_group_name_Hall            ? 
_symmetry.space_group_name_H-M             'P 32 2 1' 
_symmetry.pdbx_full_space_group_name_H-M   ? 
# 
loop_
_entity.id 
_entity.type 
_entity.src_method 
_entity.pdbx_description 
_entity.formula_weight 
_entity.pdbx_number_of_molecules 
_entity.pdbx_ec 
_entity.pdbx_mutation 
_entity.pdbx_fragment 
_entity.details 
1 polymer syn 
;RNA (5'-R(P*UP*UP*CP*UP*GP*CP*UP*GP*CP*UP*GP*AP*A)-3')
;
4095.445 1  ? ? ? ? 
2 water   nat water                                                    18.015   58 ? ? ? ? 
# 
_entity_poly.entity_id                      1 
_entity_poly.type                           polyribonucleotide 
_entity_poly.nstd_linkage                   no 
_entity_poly.nstd_monomer                   no 
_entity_poly.pdbx_seq_one_letter_code       UUCUGCUGCUGAA 
_entity_poly.pdbx_seq_one_letter_code_can   UUCUGCUGCUGAA 
_entity_poly.pdbx_strand_id                 S 
_entity_poly.pdbx_target_identifier         ? 
# 
loop_
_entity_poly_seq.entity_id 
_entity_poly_seq.num 
_entity_poly_seq.mon_id 
_entity_poly_seq.hetero 
1 1  U n 
1 2  U n 
1 3  C n 
1 4  U n 
1 5  G n 
1 6  C n 
1 7  U n 
1 8  G n 
1 9  C n 
1 10 U n 
1 11 G n 
1 12 A n 
1 13 A n 
# 
_pdbx_entity_src_syn.entity_id              1 
_pdbx_entity_src_syn.pdbx_src_id            1 
_pdbx_entity_src_syn.pdbx_alt_source_flag   sample 
_pdbx_entity_src_syn.pdbx_beg_seq_num       1 
_pdbx_entity_src_syn.pdbx_end_seq_num       13 
_pdbx_entity_src_syn.organism_scientific    'synthetic construct' 
_pdbx_entity_src_syn.organism_common_name   ? 
_pdbx_entity_src_syn.ncbi_taxonomy_id       32630 
_pdbx_entity_src_syn.details                ? 
# 
_struct_ref.id                         1 
_struct_ref.db_name                    PDB 
_struct_ref.db_code                    7Y2B 
_struct_ref.pdbx_db_accession          7Y2B 
_struct_ref.pdbx_db_isoform            ? 
_struct_ref.entity_id                  1 
_struct_ref.pdbx_seq_one_letter_code   ? 
_struct_ref.pdbx_align_begin           1 
# 
_struct_ref_seq.align_id                      1 
_struct_ref_seq.ref_id                        1 
_struct_ref_seq.pdbx_PDB_id_code              7Y2B 
_struct_ref_seq.pdbx_strand_id                S 
_struct_ref_seq.seq_align_beg                 1 
_struct_ref_seq.pdbx_seq_align_beg_ins_code   ? 
_struct_ref_seq.seq_align_end                 13 
_struct_ref_seq.pdbx_seq_align_end_ins_code   ? 
_struct_ref_seq.pdbx_db_accession             7Y2B 
_struct_ref_seq.db_align_beg                  1 
_struct_ref_seq.pdbx_db_align_beg_ins_code    ? 
_struct_ref_seq.db_align_end                  13 
_struct_ref_seq.pdbx_db_align_end_ins_code    ? 
_struct_ref_seq.pdbx_auth_seq_align_beg       1 
_struct_ref_seq.pdbx_auth_seq_align_end       13 
# 
loop_
_chem_comp.id 
_chem_comp.type 
_chem_comp.mon_nstd_flag 
_chem_comp.name 
_chem_comp.pdbx_synonyms 
_chem_comp.formula 
_chem_comp.formula_weight 
A   'RNA linking' y "ADENOSINE-5'-MONOPHOSPHATE" ? 'C10 H14 N5 O7 P' 347.221 
C   'RNA linking' y "CYTIDINE-5'-MONOPHOSPHATE"  ? 'C9 H14 N3 O8 P'  323.197 
G   'RNA linking' y "GUANOSINE-5'-MONOPHOSPHATE" ? 'C10 H14 N5 O8 P' 363.221 
HOH non-polymer   . WATER                        ? 'H2 O'            18.015  
U   'RNA linking' y "URIDINE-5'-MONOPHOSPHATE"   ? 'C9 H13 N2 O9 P'  324.181 
# 
_exptl.absorpt_coefficient_mu     ? 
_exptl.absorpt_correction_T_max   ? 
_exptl.absorpt_correction_T_min   ? 
_exptl.absorpt_correction_type    ? 
_exptl.absorpt_process_details    ? 
_exptl.entry_id                   7Y2B 
_exptl.crystals_number            1 
_exptl.details                    ? 
_exptl.method                     'X-RAY DIFFRACTION' 
_exptl.method_details             ? 
# 
_exptl_crystal.colour                       ? 
_exptl_crystal.density_diffrn               ? 
_exptl_crystal.density_Matthews             3.09 
_exptl_crystal.density_method               ? 
_exptl_crystal.density_percent_sol          60.21 
_exptl_crystal.description                  ? 
_exptl_crystal.F_000                        ? 
_exptl_crystal.id                           1 
_exptl_crystal.preparation                  ? 
_exptl_crystal.size_max                     ? 
_exptl_crystal.size_mid                     ? 
_exptl_crystal.size_min                     ? 
_exptl_crystal.size_rad                     ? 
_exptl_crystal.colour_lustre                ? 
_exptl_crystal.colour_modifier              ? 
_exptl_crystal.colour_primary               ? 
_exptl_crystal.density_meas                 ? 
_exptl_crystal.density_meas_esd             ? 
_exptl_crystal.density_meas_gt              ? 
_exptl_crystal.density_meas_lt              ? 
_exptl_crystal.density_meas_temp            ? 
_exptl_crystal.density_meas_temp_esd        ? 
_exptl_crystal.density_meas_temp_gt         ? 
_exptl_crystal.density_meas_temp_lt         ? 
_exptl_crystal.pdbx_crystal_image_url       ? 
_exptl_crystal.pdbx_crystal_image_format    ? 
_exptl_crystal.pdbx_mosaicity               ? 
_exptl_crystal.pdbx_mosaicity_esd           ? 
_exptl_crystal.pdbx_mosaic_method           ? 
_exptl_crystal.pdbx_mosaic_block_size       ? 
_exptl_crystal.pdbx_mosaic_block_size_esd   ? 
# 
_exptl_crystal_grow.apparatus       ? 
_exptl_crystal_grow.atmosphere      ? 
_exptl_crystal_grow.crystal_id      1 
_exptl_crystal_grow.details         ? 
_exptl_crystal_grow.method          'VAPOR DIFFUSION, SITTING DROP' 
_exptl_crystal_grow.method_ref      ? 
_exptl_crystal_grow.pH              6.5 
_exptl_crystal_grow.pressure        ? 
_exptl_crystal_grow.pressure_esd    ? 
_exptl_crystal_grow.seeding         ? 
_exptl_crystal_grow.seeding_ref     ? 
_exptl_crystal_grow.temp            277 
_exptl_crystal_grow.temp_details    ? 
_exptl_crystal_grow.temp_esd        ? 
_exptl_crystal_grow.time            ? 
_exptl_crystal_grow.pdbx_details    '0.4 mM oligonucleotide, 3.5 mM Spermine tetrahydrochloride, 50 mM HEPES pH 6.5, 10% MPD' 
_exptl_crystal_grow.pdbx_pH_range   ? 
# 
_diffrn.ambient_environment              ? 
_diffrn.ambient_temp                     100 
_diffrn.ambient_temp_details             ? 
_diffrn.ambient_temp_esd                 ? 
_diffrn.crystal_id                       1 
_diffrn.crystal_support                  ? 
_diffrn.crystal_treatment                ? 
_diffrn.details                          ? 
_diffrn.id                               1 
_diffrn.ambient_pressure                 ? 
_diffrn.ambient_pressure_esd             ? 
_diffrn.ambient_pressure_gt              ? 
_diffrn.ambient_pressure_lt              ? 
_diffrn.ambient_temp_gt                  ? 
_diffrn.ambient_temp_lt                  ? 
_diffrn.pdbx_serial_crystal_experiment   N 
# 
_diffrn_detector.details                      ? 
_diffrn_detector.detector                     CCD 
_diffrn_detector.diffrn_id                    1 
_diffrn_detector.type                         'RAYONIX MX300-HS' 
_diffrn_detector.area_resol_mean              ? 
_diffrn_detector.dtime                        ? 
_diffrn_detector.pdbx_frames_total            ? 
_diffrn_detector.pdbx_collection_time_total   ? 
_diffrn_detector.pdbx_collection_date         2021-02-05 
_diffrn_detector.pdbx_frequency               ? 
# 
_diffrn_radiation.collimation                      ? 
_diffrn_radiation.diffrn_id                        1 
_diffrn_radiation.filter_edge                      ? 
_diffrn_radiation.inhomogeneity                    ? 
_diffrn_radiation.monochromator                    ? 
_diffrn_radiation.polarisn_norm                    ? 
_diffrn_radiation.polarisn_ratio                   ? 
_diffrn_radiation.probe                            ? 
_diffrn_radiation.type                             ? 
_diffrn_radiation.xray_symbol                      ? 
_diffrn_radiation.wavelength_id                    1 
_diffrn_radiation.pdbx_monochromatic_or_laue_m_l   M 
_diffrn_radiation.pdbx_wavelength_list             ? 
_diffrn_radiation.pdbx_wavelength                  ? 
_diffrn_radiation.pdbx_diffrn_protocol             'SINGLE WAVELENGTH' 
_diffrn_radiation.pdbx_analyzer                    ? 
_diffrn_radiation.pdbx_scattering_type             x-ray 
# 
_diffrn_radiation_wavelength.id           1 
_diffrn_radiation_wavelength.wavelength   1.00000 
_diffrn_radiation_wavelength.wt           1.0 
# 
_diffrn_source.current                     ? 
_diffrn_source.details                     ? 
_diffrn_source.diffrn_id                   1 
_diffrn_source.power                       ? 
_diffrn_source.size                        ? 
_diffrn_source.source                      SYNCHROTRON 
_diffrn_source.target                      ? 
_diffrn_source.type                        'NSRRC BEAMLINE TPS 05A' 
_diffrn_source.voltage                     ? 
_diffrn_source.take-off_angle              ? 
_diffrn_source.pdbx_wavelength_list        1.00000 
_diffrn_source.pdbx_wavelength             ? 
_diffrn_source.pdbx_synchrotron_beamline   'TPS 05A' 
_diffrn_source.pdbx_synchrotron_site       NSRRC 
# 
_reflns.B_iso_Wilson_estimate                          ? 
_reflns.entry_id                                       7Y2B 
_reflns.data_reduction_details                         ? 
_reflns.data_reduction_method                          ? 
_reflns.d_resolution_high                              1.870 
_reflns.d_resolution_low                               30.000 
_reflns.details                                        ? 
_reflns.limit_h_max                                    ? 
_reflns.limit_h_min                                    ? 
_reflns.limit_k_max                                    ? 
_reflns.limit_k_min                                    ? 
_reflns.limit_l_max                                    ? 
_reflns.limit_l_min                                    ? 
_reflns.number_all                                     ? 
_reflns.number_obs                                     4355 
_reflns.observed_criterion                             ? 
_reflns.observed_criterion_F_max                       ? 
_reflns.observed_criterion_F_min                       ? 
_reflns.observed_criterion_I_max                       ? 
_reflns.observed_criterion_I_min                       ? 
_reflns.observed_criterion_sigma_F                     ? 
_reflns.observed_criterion_sigma_I                     ? 
_reflns.percent_possible_obs                           99.400 
_reflns.R_free_details                                 ? 
_reflns.Rmerge_F_all                                   ? 
_reflns.Rmerge_F_obs                                   ? 
_reflns.Friedel_coverage                               ? 
_reflns.number_gt                                      ? 
_reflns.threshold_expression                           ? 
_reflns.pdbx_redundancy                                10.200 
_reflns.pdbx_Rmerge_I_obs                              0.059 
_reflns.pdbx_Rmerge_I_all                              ? 
_reflns.pdbx_Rsym_value                                ? 
_reflns.pdbx_netI_over_av_sigmaI                       ? 
_reflns.pdbx_netI_over_sigmaI                          11.500 
_reflns.pdbx_res_netI_over_av_sigmaI_2                 ? 
_reflns.pdbx_res_netI_over_sigmaI_2                    ? 
_reflns.pdbx_chi_squared                               1.062 
_reflns.pdbx_scaling_rejects                           ? 
_reflns.pdbx_d_res_high_opt                            ? 
_reflns.pdbx_d_res_low_opt                             ? 
_reflns.pdbx_d_res_opt_method                          ? 
_reflns.phase_calculation_details                      ? 
_reflns.pdbx_Rrim_I_all                                0.063 
_reflns.pdbx_Rpim_I_all                                0.020 
_reflns.pdbx_d_opt                                     ? 
_reflns.pdbx_number_measured_all                       44478 
_reflns.pdbx_diffrn_id                                 1 
_reflns.pdbx_ordinal                                   1 
_reflns.pdbx_CC_half                                   ? 
_reflns.pdbx_CC_star                                   ? 
_reflns.pdbx_R_split                                   ? 
_reflns.pdbx_aniso_diffraction_limit_axis_1_ortho[1]   ? 
_reflns.pdbx_aniso_diffraction_limit_axis_1_ortho[2]   ? 
_reflns.pdbx_aniso_diffraction_limit_axis_1_ortho[3]   ? 
_reflns.pdbx_aniso_diffraction_limit_axis_2_ortho[1]   ? 
_reflns.pdbx_aniso_diffraction_limit_axis_2_ortho[2]   ? 
_reflns.pdbx_aniso_diffraction_limit_axis_2_ortho[3]   ? 
_reflns.pdbx_aniso_diffraction_limit_axis_3_ortho[1]   ? 
_reflns.pdbx_aniso_diffraction_limit_axis_3_ortho[2]   ? 
_reflns.pdbx_aniso_diffraction_limit_axis_3_ortho[3]   ? 
_reflns.pdbx_aniso_diffraction_limit_1                 ? 
_reflns.pdbx_aniso_diffraction_limit_2                 ? 
_reflns.pdbx_aniso_diffraction_limit_3                 ? 
_reflns.pdbx_aniso_B_tensor_eigenvector_1_ortho[1]     ? 
_reflns.pdbx_aniso_B_tensor_eigenvector_1_ortho[2]     ? 
_reflns.pdbx_aniso_B_tensor_eigenvector_1_ortho[3]     ? 
_reflns.pdbx_aniso_B_tensor_eigenvector_2_ortho[1]     ? 
_reflns.pdbx_aniso_B_tensor_eigenvector_2_ortho[2]     ? 
_reflns.pdbx_aniso_B_tensor_eigenvector_2_ortho[3]     ? 
_reflns.pdbx_aniso_B_tensor_eigenvector_3_ortho[1]     ? 
_reflns.pdbx_aniso_B_tensor_eigenvector_3_ortho[2]     ? 
_reflns.pdbx_aniso_B_tensor_eigenvector_3_ortho[3]     ? 
_reflns.pdbx_aniso_B_tensor_eigenvalue_1               ? 
_reflns.pdbx_aniso_B_tensor_eigenvalue_2               ? 
_reflns.pdbx_aniso_B_tensor_eigenvalue_3               ? 
_reflns.pdbx_orthogonalization_convention              ? 
_reflns.pdbx_percent_possible_ellipsoidal              ? 
_reflns.pdbx_percent_possible_spherical                ? 
_reflns.pdbx_percent_possible_ellipsoidal_anomalous    ? 
_reflns.pdbx_percent_possible_spherical_anomalous      ? 
_reflns.pdbx_redundancy_anomalous                      ? 
_reflns.pdbx_CC_half_anomalous                         ? 
_reflns.pdbx_absDiff_over_sigma_anomalous              ? 
_reflns.pdbx_percent_possible_anomalous                ? 
_reflns.pdbx_observed_signal_threshold                 ? 
_reflns.pdbx_signal_type                               ? 
_reflns.pdbx_signal_details                            ? 
_reflns.pdbx_signal_software_id                        ? 
_reflns.pdbx_CC_split_method                           ? 
# 
loop_
_reflns_shell.d_res_high 
_reflns_shell.d_res_low 
_reflns_shell.meanI_over_sigI_all 
_reflns_shell.meanI_over_sigI_obs 
_reflns_shell.number_measured_all 
_reflns_shell.number_measured_obs 
_reflns_shell.number_possible 
_reflns_shell.number_unique_all 
_reflns_shell.number_unique_obs 
_reflns_shell.percent_possible_all 
_reflns_shell.percent_possible_obs 
_reflns_shell.Rmerge_F_all 
_reflns_shell.Rmerge_F_obs 
_reflns_shell.Rmerge_I_all 
_reflns_shell.Rmerge_I_obs 
_reflns_shell.meanI_over_sigI_gt 
_reflns_shell.meanI_over_uI_all 
_reflns_shell.meanI_over_uI_gt 
_reflns_shell.number_measured_gt 
_reflns_shell.number_unique_gt 
_reflns_shell.percent_possible_gt 
_reflns_shell.Rmerge_F_gt 
_reflns_shell.Rmerge_I_gt 
_reflns_shell.pdbx_redundancy 
_reflns_shell.pdbx_Rsym_value 
_reflns_shell.pdbx_chi_squared 
_reflns_shell.pdbx_netI_over_sigmaI_all 
_reflns_shell.pdbx_netI_over_sigmaI_obs 
_reflns_shell.pdbx_Rrim_I_all 
_reflns_shell.pdbx_Rpim_I_all 
_reflns_shell.pdbx_rejects 
_reflns_shell.pdbx_ordinal 
_reflns_shell.pdbx_diffrn_id 
_reflns_shell.pdbx_CC_half 
_reflns_shell.pdbx_CC_star 
_reflns_shell.pdbx_R_split 
_reflns_shell.pdbx_percent_possible_ellipsoidal 
_reflns_shell.pdbx_percent_possible_spherical 
_reflns_shell.pdbx_percent_possible_ellipsoidal_anomalous 
_reflns_shell.pdbx_percent_possible_spherical_anomalous 
_reflns_shell.pdbx_redundancy_anomalous 
_reflns_shell.pdbx_CC_half_anomalous 
_reflns_shell.pdbx_absDiff_over_sigma_anomalous 
_reflns_shell.pdbx_percent_possible_anomalous 
1.870 1.940  ? ? ? ? ? ? 425 100.000 ? ? ? ? 0.383 ? ? ? ? ? ? ? ? 10.100 ? 1.095 ? ? 0.404 0.127 ? 1  1 0.957 ? ? ? ? ? ? ? ? ? ? 
1.940 2.010  ? ? ? ? ? ? 435 100.000 ? ? ? ? 0.297 ? ? ? ? ? ? ? ? 10.700 ? 1.093 ? ? 0.312 0.095 ? 2  1 0.979 ? ? ? ? ? ? ? ? ? ? 
2.010 2.110  ? ? ? ? ? ? 426 100.000 ? ? ? ? 0.216 ? ? ? ? ? ? ? ? 10.900 ? 1.068 ? ? 0.227 0.069 ? 3  1 0.990 ? ? ? ? ? ? ? ? ? ? 
2.110 2.220  ? ? ? ? ? ? 423 100.000 ? ? ? ? 0.179 ? ? ? ? ? ? ? ? 10.800 ? 1.089 ? ? 0.188 0.057 ? 4  1 0.993 ? ? ? ? ? ? ? ? ? ? 
2.220 2.360  ? ? ? ? ? ? 436 100.000 ? ? ? ? 0.141 ? ? ? ? ? ? ? ? 10.100 ? 1.030 ? ? 0.148 0.047 ? 5  1 0.993 ? ? ? ? ? ? ? ? ? ? 
2.360 2.540  ? ? ? ? ? ? 437 100.000 ? ? ? ? 0.108 ? ? ? ? ? ? ? ? 10.600 ? 1.071 ? ? 0.113 0.035 ? 6  1 0.995 ? ? ? ? ? ? ? ? ? ? 
2.540 2.790  ? ? ? ? ? ? 430 100.000 ? ? ? ? 0.079 ? ? ? ? ? ? ? ? 10.400 ? 1.042 ? ? 0.084 0.026 ? 7  1 0.996 ? ? ? ? ? ? ? ? ? ? 
2.790 3.200  ? ? ? ? ? ? 442 100.000 ? ? ? ? 0.054 ? ? ? ? ? ? ? ? 10.300 ? 1.053 ? ? 0.057 0.019 ? 8  1 0.999 ? ? ? ? ? ? ? ? ? ? 
3.200 4.030  ? ? ? ? ? ? 427 94.700  ? ? ? ? 0.044 ? ? ? ? ? ? ? ? 8.600  ? 1.010 ? ? 0.046 0.016 ? 9  1 0.999 ? ? ? ? ? ? ? ? ? ? 
4.030 30.000 ? ? ? ? ? ? 474 99.400  ? ? ? ? 0.040 ? ? ? ? ? ? ? ? 9.600  ? 1.058 ? ? 0.043 0.014 ? 10 1 0.999 ? ? ? ? ? ? ? ? ? ? 
# 
_refine.aniso_B[1][1]                            ? 
_refine.aniso_B[1][2]                            ? 
_refine.aniso_B[1][3]                            ? 
_refine.aniso_B[2][2]                            ? 
_refine.aniso_B[2][3]                            ? 
_refine.aniso_B[3][3]                            ? 
_refine.B_iso_max                                72.490 
_refine.B_iso_mean                               30.0278 
_refine.B_iso_min                                20.400 
_refine.correlation_coeff_Fo_to_Fc               ? 
_refine.correlation_coeff_Fo_to_Fc_free          ? 
_refine.details                                  ? 
_refine.diff_density_max                         ? 
_refine.diff_density_max_esd                     ? 
_refine.diff_density_min                         ? 
_refine.diff_density_min_esd                     ? 
_refine.diff_density_rms                         ? 
_refine.diff_density_rms_esd                     ? 
_refine.entry_id                                 7Y2B 
_refine.pdbx_refine_id                           'X-RAY DIFFRACTION' 
_refine.ls_abs_structure_details                 ? 
_refine.ls_abs_structure_Flack                   ? 
_refine.ls_abs_structure_Flack_esd               ? 
_refine.ls_abs_structure_Rogers                  ? 
_refine.ls_abs_structure_Rogers_esd              ? 
_refine.ls_d_res_high                            1.8800 
_refine.ls_d_res_low                             24.6300 
_refine.ls_extinction_coef                       ? 
_refine.ls_extinction_coef_esd                   ? 
_refine.ls_extinction_expression                 ? 
_refine.ls_extinction_method                     ? 
_refine.ls_goodness_of_fit_all                   ? 
_refine.ls_goodness_of_fit_all_esd               ? 
_refine.ls_goodness_of_fit_obs                   ? 
_refine.ls_goodness_of_fit_obs_esd               ? 
_refine.ls_hydrogen_treatment                    ? 
_refine.ls_matrix_type                           ? 
_refine.ls_number_constraints                    ? 
_refine.ls_number_parameters                     ? 
_refine.ls_number_reflns_all                     ? 
_refine.ls_number_reflns_obs                     4326 
_refine.ls_number_reflns_R_free                  424 
_refine.ls_number_reflns_R_work                  3902 
_refine.ls_number_restraints                     ? 
_refine.ls_percent_reflns_obs                    98.9900 
_refine.ls_percent_reflns_R_free                 9.8000 
_refine.ls_R_factor_all                          ? 
_refine.ls_R_factor_obs                          0.2172 
_refine.ls_R_factor_R_free                       0.2224 
_refine.ls_R_factor_R_free_error                 ? 
_refine.ls_R_factor_R_free_error_details         ? 
_refine.ls_R_factor_R_work                       0.2167 
_refine.ls_R_Fsqd_factor_obs                     ? 
_refine.ls_R_I_factor_obs                        ? 
_refine.ls_redundancy_reflns_all                 ? 
_refine.ls_redundancy_reflns_obs                 ? 
_refine.ls_restrained_S_all                      ? 
_refine.ls_restrained_S_obs                      ? 
_refine.ls_shift_over_esd_max                    ? 
_refine.ls_shift_over_esd_mean                   ? 
_refine.ls_structure_factor_coef                 ? 
_refine.ls_weighting_details                     ? 
_refine.ls_weighting_scheme                      ? 
_refine.ls_wR_factor_all                         ? 
_refine.ls_wR_factor_obs                         ? 
_refine.ls_wR_factor_R_free                      ? 
_refine.ls_wR_factor_R_work                      ? 
_refine.occupancy_max                            ? 
_refine.occupancy_min                            ? 
_refine.solvent_model_details                    'FLAT BULK SOLVENT MODEL' 
_refine.solvent_model_param_bsol                 ? 
_refine.solvent_model_param_ksol                 ? 
_refine.pdbx_R_complete                          ? 
_refine.ls_R_factor_gt                           ? 
_refine.ls_goodness_of_fit_gt                    ? 
_refine.ls_goodness_of_fit_ref                   ? 
_refine.ls_shift_over_su_max                     ? 
_refine.ls_shift_over_su_max_lt                  ? 
_refine.ls_shift_over_su_mean                    ? 
_refine.ls_shift_over_su_mean_lt                 ? 
_refine.pdbx_ls_sigma_I                          ? 
_refine.pdbx_ls_sigma_F                          1.430 
_refine.pdbx_ls_sigma_Fsqd                       ? 
_refine.pdbx_data_cutoff_high_absF               ? 
_refine.pdbx_data_cutoff_high_rms_absF           ? 
_refine.pdbx_data_cutoff_low_absF                ? 
_refine.pdbx_isotropic_thermal_model             ? 
_refine.pdbx_ls_cross_valid_method               THROUGHOUT 
_refine.pdbx_method_to_determine_struct          'MOLECULAR REPLACEMENT' 
_refine.pdbx_starting_model                      1zev 
_refine.pdbx_stereochemistry_target_values       ML 
_refine.pdbx_R_Free_selection_details            ? 
_refine.pdbx_stereochem_target_val_spec_case     ? 
_refine.pdbx_overall_ESU_R                       ? 
_refine.pdbx_overall_ESU_R_Free                  ? 
_refine.pdbx_solvent_vdw_probe_radii             1.1100 
_refine.pdbx_solvent_ion_probe_radii             ? 
_refine.pdbx_solvent_shrinkage_radii             0.9000 
_refine.pdbx_real_space_R                        ? 
_refine.pdbx_density_correlation                 ? 
_refine.pdbx_pd_number_of_powder_patterns        ? 
_refine.pdbx_pd_number_of_points                 ? 
_refine.pdbx_pd_meas_number_of_points            ? 
_refine.pdbx_pd_proc_ls_prof_R_factor            ? 
_refine.pdbx_pd_proc_ls_prof_wR_factor           ? 
_refine.pdbx_pd_Marquardt_correlation_coeff      ? 
_refine.pdbx_pd_Fsqrd_R_factor                   ? 
_refine.pdbx_pd_ls_matrix_band_width             ? 
_refine.pdbx_overall_phase_error                 26.2700 
_refine.pdbx_overall_SU_R_free_Cruickshank_DPI   ? 
_refine.pdbx_overall_SU_R_free_Blow_DPI          ? 
_refine.pdbx_overall_SU_R_Blow_DPI               ? 
_refine.pdbx_TLS_residual_ADP_flag               ? 
_refine.pdbx_diffrn_id                           1 
_refine.overall_SU_B                             ? 
_refine.overall_SU_ML                            0.2100 
_refine.overall_SU_R_Cruickshank_DPI             ? 
_refine.overall_SU_R_free                        ? 
_refine.overall_FOM_free_R_set                   ? 
_refine.overall_FOM_work_R_set                   ? 
_refine.pdbx_average_fsc_overall                 ? 
_refine.pdbx_average_fsc_work                    ? 
_refine.pdbx_average_fsc_free                    ? 
# 
_refine_hist.pdbx_refine_id                   'X-RAY DIFFRACTION' 
_refine_hist.cycle_id                         final 
_refine_hist.details                          ? 
_refine_hist.d_res_high                       1.8800 
_refine_hist.d_res_low                        24.6300 
_refine_hist.number_atoms_solvent             58 
_refine_hist.number_atoms_total               332 
_refine_hist.number_reflns_all                ? 
_refine_hist.number_reflns_obs                ? 
_refine_hist.number_reflns_R_free             ? 
_refine_hist.number_reflns_R_work             ? 
_refine_hist.R_factor_all                     ? 
_refine_hist.R_factor_obs                     ? 
_refine_hist.R_factor_R_free                  ? 
_refine_hist.R_factor_R_work                  ? 
_refine_hist.pdbx_number_residues_total       13 
_refine_hist.pdbx_B_iso_mean_ligand           ? 
_refine_hist.pdbx_B_iso_mean_solvent          35.50 
_refine_hist.pdbx_number_atoms_protein        0 
_refine_hist.pdbx_number_atoms_nucleic_acid   274 
_refine_hist.pdbx_number_atoms_ligand         0 
_refine_hist.pdbx_number_atoms_lipid          ? 
_refine_hist.pdbx_number_atoms_carb           ? 
_refine_hist.pdbx_pseudo_atom_details         ? 
# 
loop_
_refine_ls_shell.pdbx_refine_id 
_refine_ls_shell.d_res_high 
_refine_ls_shell.d_res_low 
_refine_ls_shell.number_reflns_all 
_refine_ls_shell.number_reflns_obs 
_refine_ls_shell.number_reflns_R_free 
_refine_ls_shell.number_reflns_R_work 
_refine_ls_shell.percent_reflns_obs 
_refine_ls_shell.percent_reflns_R_free 
_refine_ls_shell.R_factor_all 
_refine_ls_shell.R_factor_obs 
_refine_ls_shell.R_factor_R_free 
_refine_ls_shell.R_factor_R_free_error 
_refine_ls_shell.R_factor_R_work 
_refine_ls_shell.redundancy_reflns_all 
_refine_ls_shell.redundancy_reflns_obs 
_refine_ls_shell.wR_factor_all 
_refine_ls_shell.wR_factor_obs 
_refine_ls_shell.wR_factor_R_free 
_refine_ls_shell.wR_factor_R_work 
_refine_ls_shell.pdbx_R_complete 
_refine_ls_shell.pdbx_total_number_of_bins_used 
_refine_ls_shell.pdbx_phase_error 
_refine_ls_shell.pdbx_fsc_work 
_refine_ls_shell.pdbx_fsc_free 
'X-RAY DIFFRACTION' 1.8800 1.9400  . . 145 1287 100.0000 . . . 0.2781 0.0000 0.2589 . . . . . . . . . . . 
'X-RAY DIFFRACTION' 1.9400 2.7000  . . 138 1293 100.0000 . . . 0.2898 0.0000 0.2428 . . . . . . . . . . . 
'X-RAY DIFFRACTION' 2.7100 24.6300 . . 141 1322 97.0000  . . . 0.1904 0.0000 0.19   . . . . . . . . . . . 
# 
_struct.entry_id                     7Y2B 
_struct.title                        'Crystal structure of CUG repeat RNA duplex containing U-U mismatches' 
_struct.pdbx_model_details           ? 
_struct.pdbx_formula_weight          ? 
_struct.pdbx_formula_weight_method   ? 
_struct.pdbx_model_type_details      ? 
_struct.pdbx_CASP_flag               N 
# 
_struct_keywords.entry_id        7Y2B 
_struct_keywords.text            'CUG repeats, U-U mismatch, Myotonic dystrophy type 1 (DM1), Water mediated U-U mismatch, RNA' 
_struct_keywords.pdbx_keywords   RNA 
# 
loop_
_struct_asym.id 
_struct_asym.pdbx_blank_PDB_chainid_flag 
_struct_asym.pdbx_modified 
_struct_asym.entity_id 
_struct_asym.details 
A N N 1 ? 
B N N 2 ? 
# 
loop_
_struct_conn.id 
_struct_conn.conn_type_id 
_struct_conn.pdbx_leaving_atom_flag 
_struct_conn.pdbx_PDB_id 
_struct_conn.ptnr1_label_asym_id 
_struct_conn.ptnr1_label_comp_id 
_struct_conn.ptnr1_label_seq_id 
_struct_conn.ptnr1_label_atom_id 
_struct_conn.pdbx_ptnr1_label_alt_id 
_struct_conn.pdbx_ptnr1_PDB_ins_code 
_struct_conn.pdbx_ptnr1_standard_comp_id 
_struct_conn.ptnr1_symmetry 
_struct_conn.ptnr2_label_asym_id 
_struct_conn.ptnr2_label_comp_id 
_struct_conn.ptnr2_label_seq_id 
_struct_conn.ptnr2_label_atom_id 
_struct_conn.pdbx_ptnr2_label_alt_id 
_struct_conn.pdbx_ptnr2_PDB_ins_code 
_struct_conn.ptnr1_auth_asym_id 
_struct_conn.ptnr1_auth_comp_id 
_struct_conn.ptnr1_auth_seq_id 
_struct_conn.ptnr2_auth_asym_id 
_struct_conn.ptnr2_auth_comp_id 
_struct_conn.ptnr2_auth_seq_id 
_struct_conn.ptnr2_symmetry 
_struct_conn.pdbx_ptnr3_label_atom_id 
_struct_conn.pdbx_ptnr3_label_seq_id 
_struct_conn.pdbx_ptnr3_label_comp_id 
_struct_conn.pdbx_ptnr3_label_asym_id 
_struct_conn.pdbx_ptnr3_label_alt_id 
_struct_conn.pdbx_ptnr3_PDB_ins_code 
_struct_conn.details 
_struct_conn.pdbx_dist_value 
_struct_conn.pdbx_value_order 
_struct_conn.pdbx_role 
hydrog1  hydrog ? ? A U 1  N3 ? ? ? 1_555 A A 13 N1 ? ? S U 1  S A 13 5_555 ? ? ? ? ? ? WATSON-CRICK  ? ? ? 
hydrog2  hydrog ? ? A U 1  O4 ? ? ? 1_555 A A 13 N6 ? ? S U 1  S A 13 5_555 ? ? ? ? ? ? WATSON-CRICK  ? ? ? 
hydrog3  hydrog ? ? A U 2  N3 ? ? ? 1_555 A A 12 N1 ? ? S U 2  S A 12 5_555 ? ? ? ? ? ? WATSON-CRICK  ? ? ? 
hydrog4  hydrog ? ? A U 2  O4 ? ? ? 1_555 A A 12 N6 ? ? S U 2  S A 12 5_555 ? ? ? ? ? ? WATSON-CRICK  ? ? ? 
hydrog5  hydrog ? ? A C 3  N3 ? ? ? 1_555 A G 11 N1 ? ? S C 3  S G 11 5_555 ? ? ? ? ? ? WATSON-CRICK  ? ? ? 
hydrog6  hydrog ? ? A C 3  N4 ? ? ? 1_555 A G 11 O6 ? ? S C 3  S G 11 5_555 ? ? ? ? ? ? WATSON-CRICK  ? ? ? 
hydrog7  hydrog ? ? A C 3  O2 ? ? ? 1_555 A G 11 N2 ? ? S C 3  S G 11 5_555 ? ? ? ? ? ? WATSON-CRICK  ? ? ? 
hydrog8  hydrog ? ? A U 4  O4 ? ? ? 1_555 A U 10 N3 ? ? S U 4  S U 10 5_555 ? ? ? ? ? ? 'U-U MISPAIR' ? ? ? 
hydrog9  hydrog ? ? A G 5  N1 ? ? ? 1_555 A C 9  N3 ? ? S G 5  S C 9  5_555 ? ? ? ? ? ? WATSON-CRICK  ? ? ? 
hydrog10 hydrog ? ? A G 5  N2 ? ? ? 1_555 A C 9  O2 ? ? S G 5  S C 9  5_555 ? ? ? ? ? ? WATSON-CRICK  ? ? ? 
hydrog11 hydrog ? ? A G 5  O6 ? ? ? 1_555 A C 9  N4 ? ? S G 5  S C 9  5_555 ? ? ? ? ? ? WATSON-CRICK  ? ? ? 
hydrog12 hydrog ? ? A C 6  N3 ? ? ? 1_555 A G 8  N1 ? ? S C 6  S G 8  5_555 ? ? ? ? ? ? WATSON-CRICK  ? ? ? 
hydrog13 hydrog ? ? A C 6  N4 ? ? ? 1_555 A G 8  O6 ? ? S C 6  S G 8  5_555 ? ? ? ? ? ? WATSON-CRICK  ? ? ? 
hydrog14 hydrog ? ? A C 6  O2 ? ? ? 1_555 A G 8  N2 ? ? S C 6  S G 8  5_555 ? ? ? ? ? ? WATSON-CRICK  ? ? ? 
hydrog15 hydrog ? ? A G 8  N1 ? ? ? 1_555 A C 6  N3 ? ? S G 8  S C 6  5_555 ? ? ? ? ? ? WATSON-CRICK  ? ? ? 
hydrog16 hydrog ? ? A G 8  N2 ? ? ? 1_555 A C 6  O2 ? ? S G 8  S C 6  5_555 ? ? ? ? ? ? WATSON-CRICK  ? ? ? 
hydrog17 hydrog ? ? A G 8  O6 ? ? ? 1_555 A C 6  N4 ? ? S G 8  S C 6  5_555 ? ? ? ? ? ? WATSON-CRICK  ? ? ? 
hydrog18 hydrog ? ? A C 9  N3 ? ? ? 1_555 A G 5  N1 ? ? S C 9  S G 5  5_555 ? ? ? ? ? ? WATSON-CRICK  ? ? ? 
hydrog19 hydrog ? ? A C 9  N4 ? ? ? 1_555 A G 5  O6 ? ? S C 9  S G 5  5_555 ? ? ? ? ? ? WATSON-CRICK  ? ? ? 
hydrog20 hydrog ? ? A C 9  O2 ? ? ? 1_555 A G 5  N2 ? ? S C 9  S G 5  5_555 ? ? ? ? ? ? WATSON-CRICK  ? ? ? 
hydrog21 hydrog ? ? A U 10 N3 ? ? ? 1_555 A U 4  O4 ? ? S U 10 S U 4  5_555 ? ? ? ? ? ? 'U-U MISPAIR' ? ? ? 
hydrog22 hydrog ? ? A G 11 N1 ? ? ? 1_555 A C 3  N3 ? ? S G 11 S C 3  5_555 ? ? ? ? ? ? WATSON-CRICK  ? ? ? 
hydrog23 hydrog ? ? A G 11 N2 ? ? ? 1_555 A C 3  O2 ? ? S G 11 S C 3  5_555 ? ? ? ? ? ? WATSON-CRICK  ? ? ? 
hydrog24 hydrog ? ? A G 11 O6 ? ? ? 1_555 A C 3  N4 ? ? S G 11 S C 3  5_555 ? ? ? ? ? ? WATSON-CRICK  ? ? ? 
hydrog25 hydrog ? ? A A 12 N1 ? ? ? 1_555 A U 2  N3 ? ? S A 12 S U 2  5_555 ? ? ? ? ? ? WATSON-CRICK  ? ? ? 
hydrog26 hydrog ? ? A A 12 N6 ? ? ? 1_555 A U 2  O4 ? ? S A 12 S U 2  5_555 ? ? ? ? ? ? WATSON-CRICK  ? ? ? 
hydrog27 hydrog ? ? A A 13 N1 ? ? ? 1_555 A U 1  N3 ? ? S A 13 S U 1  5_555 ? ? ? ? ? ? WATSON-CRICK  ? ? ? 
hydrog28 hydrog ? ? A A 13 N6 ? ? ? 1_555 A U 1  O4 ? ? S A 13 S U 1  5_555 ? ? ? ? ? ? WATSON-CRICK  ? ? ? 
# 
_struct_conn_type.id          hydrog 
_struct_conn_type.criteria    ? 
_struct_conn_type.reference   ? 
# 
_atom_sites.entry_id                    7Y2B 
_atom_sites.Cartn_transf_matrix[1][1]   ? 
_atom_sites.Cartn_transf_matrix[1][2]   ? 
_atom_sites.Cartn_transf_matrix[1][3]   ? 
_atom_sites.Cartn_transf_matrix[2][1]   ? 
_atom_sites.Cartn_transf_matrix[2][2]   ? 
_atom_sites.Cartn_transf_matrix[2][3]   ? 
_atom_sites.Cartn_transf_matrix[3][1]   ? 
_atom_sites.Cartn_transf_matrix[3][2]   ? 
_atom_sites.Cartn_transf_matrix[3][3]   ? 
_atom_sites.Cartn_transf_vector[1]      ? 
_atom_sites.Cartn_transf_vector[2]      ? 
_atom_sites.Cartn_transf_vector[3]      ? 
_atom_sites.fract_transf_matrix[1][1]   0.01211103 
_atom_sites.fract_transf_matrix[1][2]   -0.00393865 
_atom_sites.fract_transf_matrix[1][3]   -0.01967888 
_atom_sites.fract_transf_matrix[2][1]   -0.00378873 
_atom_sites.fract_transf_matrix[2][2]   -0.01953948 
_atom_sites.fract_transf_matrix[2][3]   -0.01238094 
_atom_sites.fract_transf_matrix[3][1]   -0.01952418 
_atom_sites.fract_transf_matrix[3][2]   0.01305508 
_atom_sites.fract_transf_matrix[3][3]   -0.01462874 
_atom_sites.fract_transf_vector[1]      0.486725 
_atom_sites.fract_transf_vector[2]      -0.017747 
_atom_sites.fract_transf_vector[3]      0.105370 
_atom_sites.solution_primary            ? 
_atom_sites.solution_secondary          ? 
_atom_sites.solution_hydrogens          ? 
_atom_sites.special_details             ? 
# 
loop_
_atom_type.symbol 
C 
N 
O 
P 
# 
loop_
_atom_site.group_PDB 
_atom_site.id 
_atom_site.type_symbol 
_atom_site.label_atom_id 
_atom_site.label_alt_id 
_atom_site.label_comp_id 
_atom_site.label_asym_id 
_atom_site.label_entity_id 
_atom_site.label_seq_id 
_atom_site.pdbx_PDB_ins_code 
_atom_site.Cartn_x 
_atom_site.Cartn_y 
_atom_site.Cartn_z 
_atom_site.occupancy 
_atom_site.B_iso_or_equiv 
_atom_site.pdbx_formal_charge 
_atom_site.auth_seq_id 
_atom_site.auth_comp_id 
_atom_site.auth_asym_id 
_atom_site.auth_atom_id 
_atom_site.pdbx_PDB_model_num 
ATOM   1   O OP3   . U   A 1 1  ? -12.063 13.841  -4.458  1.00 62.40 ? 1   U   S OP3   1 
ATOM   2   P P     . U   A 1 1  ? -12.355 12.572  -5.326  1.00 72.49 ? 1   U   S P     1 
ATOM   3   O OP1   . U   A 1 1  ? -11.054 12.091  -5.878  1.00 67.38 ? 1   U   S OP1   1 
ATOM   4   O OP2   . U   A 1 1  ? -13.459 12.930  -6.273  1.00 53.47 ? 1   U   S OP2   1 
ATOM   5   O "O5'" . U   A 1 1  ? -12.912 11.451  -4.334  1.00 42.39 ? 1   U   S "O5'" 1 
ATOM   6   C "C5'" . U   A 1 1  ? -13.722 11.817  -3.230  1.00 37.95 ? 1   U   S "C5'" 1 
ATOM   7   C "C4'" . U   A 1 1  ? -14.824 10.820  -3.006  1.00 33.05 ? 1   U   S "C4'" 1 
ATOM   8   O "O4'" . U   A 1 1  ? -15.665 10.735  -4.181  1.00 28.63 ? 1   U   S "O4'" 1 
ATOM   9   C "C3'" . U   A 1 1  ? -14.380 9.389   -2.771  1.00 32.21 ? 1   U   S "C3'" 1 
ATOM   10  O "O3'" . U   A 1 1  ? -13.961 9.171   -1.441  1.00 34.19 ? 1   U   S "O3'" 1 
ATOM   11  C "C2'" . U   A 1 1  ? -15.624 8.601   -3.146  1.00 30.79 ? 1   U   S "C2'" 1 
ATOM   12  O "O2'" . U   A 1 1  ? -16.595 8.686   -2.114  1.00 29.70 ? 1   U   S "O2'" 1 
ATOM   13  C "C1'" . U   A 1 1  ? -16.137 9.411   -4.333  1.00 28.68 ? 1   U   S "C1'" 1 
ATOM   14  N N1    . U   A 1 1  ? -15.659 8.879   -5.629  1.00 27.41 ? 1   U   S N1    1 
ATOM   15  C C2    . U   A 1 1  ? -16.324 7.790   -6.154  1.00 28.16 ? 1   U   S C2    1 
ATOM   16  O O2    . U   A 1 1  ? -17.252 7.260   -5.578  1.00 25.30 ? 1   U   S O2    1 
ATOM   17  N N3    . U   A 1 1  ? -15.856 7.346   -7.372  1.00 27.02 ? 1   U   S N3    1 
ATOM   18  C C4    . U   A 1 1  ? -14.806 7.879   -8.098  1.00 31.13 ? 1   U   S C4    1 
ATOM   19  O O4    . U   A 1 1  ? -14.484 7.380   -9.177  1.00 28.67 ? 1   U   S O4    1 
ATOM   20  C C5    . U   A 1 1  ? -14.174 9.011   -7.489  1.00 32.46 ? 1   U   S C5    1 
ATOM   21  C C6    . U   A 1 1  ? -14.615 9.463   -6.309  1.00 30.68 ? 1   U   S C6    1 
ATOM   22  P P     . U   A 1 2  ? -12.775 8.145   -1.131  1.00 38.31 ? 2   U   S P     1 
ATOM   23  O OP1   . U   A 1 2  ? -12.387 8.368   0.285   1.00 36.87 ? 2   U   S OP1   1 
ATOM   24  O OP2   . U   A 1 2  ? -11.756 8.294   -2.209  1.00 32.19 ? 2   U   S OP2   1 
ATOM   25  O "O5'" . U   A 1 2  ? -13.477 6.720   -1.197  1.00 29.73 ? 2   U   S "O5'" 1 
ATOM   26  C "C5'" . U   A 1 2  ? -14.539 6.405   -0.315  1.00 30.01 ? 2   U   S "C5'" 1 
ATOM   27  C "C4'" . U   A 1 2  ? -15.247 5.136   -0.713  1.00 33.57 ? 2   U   S "C4'" 1 
ATOM   28  O "O4'" . U   A 1 2  ? -15.969 5.335   -1.957  1.00 34.09 ? 2   U   S "O4'" 1 
ATOM   29  C "C3'" . U   A 1 2  ? -14.376 3.925   -0.998  1.00 34.88 ? 2   U   S "C3'" 1 
ATOM   30  O "O3'" . U   A 1 2  ? -13.890 3.274   0.163   1.00 38.39 ? 2   U   S "O3'" 1 
ATOM   31  C "C2'" . U   A 1 2  ? -15.308 3.063   -1.833  1.00 34.46 ? 2   U   S "C2'" 1 
ATOM   32  O "O2'" . U   A 1 2  ? -16.303 2.480   -1.008  1.00 35.25 ? 2   U   S "O2'" 1 
ATOM   33  C "C1'" . U   A 1 2  ? -15.989 4.125   -2.695  1.00 29.11 ? 2   U   S "C1'" 1 
ATOM   34  N N1    . U   A 1 2  ? -15.280 4.334   -3.979  1.00 27.89 ? 2   U   S N1    1 
ATOM   35  C C2    . U   A 1 2  ? -15.532 3.458   -5.025  1.00 30.96 ? 2   U   S C2    1 
ATOM   36  O O2    . U   A 1 2  ? -16.309 2.523   -4.935  1.00 29.84 ? 2   U   S O2    1 
ATOM   37  N N3    . U   A 1 2  ? -14.836 3.718   -6.184  1.00 28.58 ? 2   U   S N3    1 
ATOM   38  C C4    . U   A 1 2  ? -13.934 4.739   -6.412  1.00 29.89 ? 2   U   S C4    1 
ATOM   39  O O4    . U   A 1 2  ? -13.386 4.855   -7.513  1.00 28.40 ? 2   U   S O4    1 
ATOM   40  C C5    . U   A 1 2  ? -13.732 5.600   -5.289  1.00 31.00 ? 2   U   S C5    1 
ATOM   41  C C6    . U   A 1 2  ? -14.394 5.369   -4.150  1.00 29.47 ? 2   U   S C6    1 
ATOM   42  P P     . C   A 1 3  ? -12.430 2.599   0.151   1.00 37.21 ? 3   C   S P     1 
ATOM   43  O OP1   . C   A 1 3  ? -12.141 2.177   1.544   1.00 42.82 ? 3   C   S OP1   1 
ATOM   44  O OP2   . C   A 1 3  ? -11.468 3.485   -0.555  1.00 31.25 ? 3   C   S OP2   1 
ATOM   45  O "O5'" . C   A 1 3  ? -12.603 1.287   -0.747  1.00 37.38 ? 3   C   S "O5'" 1 
ATOM   46  C "C5'" . C   A 1 3  ? -13.446 0.218   -0.330  1.00 35.99 ? 3   C   S "C5'" 1 
ATOM   47  C "C4'" . C   A 1 3  ? -13.733 -0.754  -1.453  1.00 35.44 ? 3   C   S "C4'" 1 
ATOM   48  O "O4'" . C   A 1 3  ? -14.405 -0.062  -2.543  1.00 34.81 ? 3   C   S "O4'" 1 
ATOM   49  C "C3'" . C   A 1 3  ? -12.532 -1.403  -2.130  1.00 35.95 ? 3   C   S "C3'" 1 
ATOM   50  O "O3'" . C   A 1 3  ? -11.966 -2.481  -1.410  1.00 44.01 ? 3   C   S "O3'" 1 
ATOM   51  C "C2'" . C   A 1 3  ? -13.105 -1.802  -3.481  1.00 35.25 ? 3   C   S "C2'" 1 
ATOM   52  O "O2'" . C   A 1 3  ? -13.950 -2.933  -3.352  1.00 33.61 ? 3   C   S "O2'" 1 
ATOM   53  C "C1'" . C   A 1 3  ? -13.982 -0.591  -3.783  1.00 31.93 ? 3   C   S "C1'" 1 
ATOM   54  N N1    . C   A 1 3  ? -13.203 0.439   -4.499  1.00 30.28 ? 3   C   S N1    1 
ATOM   55  C C2    . C   A 1 3  ? -12.964 0.233   -5.855  1.00 31.26 ? 3   C   S C2    1 
ATOM   56  O O2    . C   A 1 3  ? -13.439 -0.778  -6.392  1.00 31.18 ? 3   C   S O2    1 
ATOM   57  N N3    . C   A 1 3  ? -12.238 1.139   -6.546  1.00 29.80 ? 3   C   S N3    1 
ATOM   58  C C4    . C   A 1 3  ? -11.740 2.210   -5.924  1.00 31.06 ? 3   C   S C4    1 
ATOM   59  N N4    . C   A 1 3  ? -11.027 3.081   -6.640  1.00 30.16 ? 3   C   S N4    1 
ATOM   60  C C5    . C   A 1 3  ? -11.960 2.441   -4.537  1.00 32.51 ? 3   C   S C5    1 
ATOM   61  C C6    . C   A 1 3  ? -12.686 1.537   -3.873  1.00 30.91 ? 3   C   S C6    1 
ATOM   62  P P     . U   A 1 4  ? -10.453 -2.938  -1.717  1.00 44.38 ? 4   U   S P     1 
ATOM   63  O OP1   . U   A 1 4  ? -9.957  -3.612  -0.492  1.00 44.85 ? 4   U   S OP1   1 
ATOM   64  O OP2   . U   A 1 4  ? -9.669  -1.821  -2.315  1.00 39.79 ? 4   U   S OP2   1 
ATOM   65  O "O5'" . U   A 1 4  ? -10.612 -4.005  -2.882  1.00 38.99 ? 4   U   S "O5'" 1 
ATOM   66  C "C5'" . U   A 1 4  ? -11.497 -5.098  -2.744  1.00 35.32 ? 4   U   S "C5'" 1 
ATOM   67  C "C4'" . U   A 1 4  ? -11.470 -5.945  -3.981  1.00 31.76 ? 4   U   S "C4'" 1 
ATOM   68  O "O4'" . U   A 1 4  ? -12.014 -5.193  -5.099  1.00 35.30 ? 4   U   S "O4'" 1 
ATOM   69  C "C3'" . U   A 1 4  ? -10.090 -6.342  -4.466  1.00 31.96 ? 4   U   S "C3'" 1 
ATOM   70  O "O3'" . U   A 1 4  ? -9.503  -7.396  -3.723  1.00 32.64 ? 4   U   S "O3'" 1 
ATOM   71  C "C2'" . U   A 1 4  ? -10.356 -6.663  -5.925  1.00 27.93 ? 4   U   S "C2'" 1 
ATOM   72  O "O2'" . U   A 1 4  ? -11.043 -7.898  -6.048  1.00 32.50 ? 4   U   S "O2'" 1 
ATOM   73  C "C1'" . U   A 1 4  ? -11.331 -5.545  -6.284  1.00 29.46 ? 4   U   S "C1'" 1 
ATOM   74  N N1    . U   A 1 4  ? -10.613 -4.358  -6.783  1.00 27.83 ? 4   U   S N1    1 
ATOM   75  C C2    . U   A 1 4  ? -10.123 -4.438  -8.077  1.00 28.84 ? 4   U   S C2    1 
ATOM   76  O O2    . U   A 1 4  ? -10.271 -5.424  -8.788  1.00 29.46 ? 4   U   S O2    1 
ATOM   77  N N3    . U   A 1 4  ? -9.465  -3.314  -8.506  1.00 26.45 ? 4   U   S N3    1 
ATOM   78  C C4    . U   A 1 4  ? -9.247  -2.154  -7.791  1.00 29.62 ? 4   U   S C4    1 
ATOM   79  O O4    . U   A 1 4  ? -8.630  -1.235  -8.324  1.00 27.26 ? 4   U   S O4    1 
ATOM   80  C C5    . U   A 1 4  ? -9.779  -2.150  -6.456  1.00 29.86 ? 4   U   S C5    1 
ATOM   81  C C6    . U   A 1 4  ? -10.424 -3.231  -6.009  1.00 29.73 ? 4   U   S C6    1 
ATOM   82  P P     . G   A 1 5  ? -7.910  -7.419  -3.492  1.00 31.56 ? 5   G   S P     1 
ATOM   83  O OP1   . G   A 1 5  ? -7.650  -8.711  -2.802  1.00 31.70 ? 5   G   S OP1   1 
ATOM   84  O OP2   . G   A 1 5  ? -7.391  -6.160  -2.923  1.00 28.80 ? 5   G   S OP2   1 
ATOM   85  O "O5'" . G   A 1 5  ? -7.319  -7.503  -4.965  1.00 27.46 ? 5   G   S "O5'" 1 
ATOM   86  C "C5'" . G   A 1 5  ? -7.564  -8.637  -5.776  1.00 27.99 ? 5   G   S "C5'" 1 
ATOM   87  C "C4'" . G   A 1 5  ? -6.896  -8.506  -7.120  1.00 25.41 ? 5   G   S "C4'" 1 
ATOM   88  O "O4'" . G   A 1 5  ? -7.490  -7.419  -7.878  1.00 27.41 ? 5   G   S "O4'" 1 
ATOM   89  C "C3'" . G   A 1 5  ? -5.416  -8.176  -7.109  1.00 21.85 ? 5   G   S "C3'" 1 
ATOM   90  O "O3'" . G   A 1 5  ? -4.613  -9.310  -6.847  1.00 25.98 ? 5   G   S "O3'" 1 
ATOM   91  C "C2'" . G   A 1 5  ? -5.219  -7.622  -8.508  1.00 26.33 ? 5   G   S "C2'" 1 
ATOM   92  O "O2'" . G   A 1 5  ? -5.264  -8.695  -9.437  1.00 23.80 ? 5   G   S "O2'" 1 
ATOM   93  C "C1'" . G   A 1 5  ? -6.496  -6.803  -8.671  1.00 25.20 ? 5   G   S "C1'" 1 
ATOM   94  N N9    . G   A 1 5  ? -6.325  -5.421  -8.184  1.00 27.65 ? 5   G   S N9    1 
ATOM   95  C C8    . G   A 1 5  ? -6.857  -4.888  -7.036  1.00 28.73 ? 5   G   S C8    1 
ATOM   96  N N7    . G   A 1 5  ? -6.537  -3.629  -6.862  1.00 28.23 ? 5   G   S N7    1 
ATOM   97  C C5    . G   A 1 5  ? -5.750  -3.313  -7.961  1.00 26.74 ? 5   G   S C5    1 
ATOM   98  C C6    . G   A 1 5  ? -5.124  -2.094  -8.330  1.00 28.89 ? 5   G   S C6    1 
ATOM   99  O O6    . G   A 1 5  ? -5.134  -1.010  -7.733  1.00 27.89 ? 5   G   S O6    1 
ATOM   100 N N1    . G   A 1 5  ? -4.421  -2.217  -9.533  1.00 28.27 ? 5   G   S N1    1 
ATOM   101 C C2    . G   A 1 5  ? -4.348  -3.366  -10.284 1.00 26.39 ? 5   G   S C2    1 
ATOM   102 N N2    . G   A 1 5  ? -3.626  -3.300  -11.416 1.00 26.11 ? 5   G   S N2    1 
ATOM   103 N N3    . G   A 1 5  ? -4.937  -4.502  -9.956  1.00 23.91 ? 5   G   S N3    1 
ATOM   104 C C4    . G   A 1 5  ? -5.613  -4.409  -8.789  1.00 26.45 ? 5   G   S C4    1 
ATOM   105 P P     . C   A 1 6  ? -3.298  -9.189  -5.933  1.00 28.88 ? 6   C   S P     1 
ATOM   106 O OP1   . C   A 1 6  ? -2.757  -10.554 -5.742  1.00 28.25 ? 6   C   S OP1   1 
ATOM   107 O OP2   . C   A 1 6  ? -3.627  -8.356  -4.747  1.00 27.38 ? 6   C   S OP2   1 
ATOM   108 O "O5'" . C   A 1 6  ? -2.260  -8.409  -6.846  1.00 24.82 ? 6   C   S "O5'" 1 
ATOM   109 C "C5'" . C   A 1 6  ? -1.733  -9.016  -8.015  1.00 23.03 ? 6   C   S "C5'" 1 
ATOM   110 C "C4'" . C   A 1 6  ? -0.991  -8.015  -8.857  1.00 25.29 ? 6   C   S "C4'" 1 
ATOM   111 O "O4'" . C   A 1 6  ? -1.888  -6.943  -9.260  1.00 26.22 ? 6   C   S "O4'" 1 
ATOM   112 C "C3'" . C   A 1 6  ? 0.147   -7.275  -8.176  1.00 23.33 ? 6   C   S "C3'" 1 
ATOM   113 O "O3'" . C   A 1 6  ? 1.336   -8.032  -8.038  1.00 23.29 ? 6   C   S "O3'" 1 
ATOM   114 C "C2'" . C   A 1 6  ? 0.300   -6.057  -9.071  1.00 24.75 ? 6   C   S "C2'" 1 
ATOM   115 O "O2'" . C   A 1 6  ? 0.941   -6.416  -10.282 1.00 23.35 ? 6   C   S "O2'" 1 
ATOM   116 C "C1'" . C   A 1 6  ? -1.166  -5.734  -9.370  1.00 21.78 ? 6   C   S "C1'" 1 
ATOM   117 N N1    . C   A 1 6  ? -1.681  -4.777  -8.369  1.00 24.21 ? 6   C   S N1    1 
ATOM   118 C C2    . C   A 1 6  ? -1.305  -3.435  -8.521  1.00 24.13 ? 6   C   S C2    1 
ATOM   119 O O2    . C   A 1 6  ? -0.607  -3.128  -9.496  1.00 25.17 ? 6   C   S O2    1 
ATOM   120 N N3    . C   A 1 6  ? -1.702  -2.519  -7.608  1.00 27.35 ? 6   C   S N3    1 
ATOM   121 C C4    . C   A 1 6  ? -2.447  -2.917  -6.568  1.00 27.76 ? 6   C   S C4    1 
ATOM   122 N N4    . C   A 1 6  ? -2.825  -1.987  -5.693  1.00 25.17 ? 6   C   S N4    1 
ATOM   123 C C5    . C   A 1 6  ? -2.835  -4.284  -6.382  1.00 26.14 ? 6   C   S C5    1 
ATOM   124 C C6    . C   A 1 6  ? -2.426  -5.175  -7.295  1.00 23.56 ? 6   C   S C6    1 
ATOM   125 P P     . U   A 1 7  ? 2.241   -7.838  -6.722  1.00 26.56 ? 7   U   S P     1 
ATOM   126 O OP1   . U   A 1 7  ? 3.338   -8.823  -6.805  1.00 30.31 ? 7   U   S OP1   1 
ATOM   127 O OP2   . U   A 1 7  ? 1.365   -7.846  -5.531  1.00 24.74 ? 7   U   S OP2   1 
ATOM   128 O "O5'" . U   A 1 7  ? 2.822   -6.357  -6.884  1.00 27.23 ? 7   U   S "O5'" 1 
ATOM   129 C "C5'" . U   A 1 7  ? 3.639   -6.013  -7.991  1.00 27.42 ? 7   U   S "C5'" 1 
ATOM   130 C "C4'" . U   A 1 7  ? 3.852   -4.523  -8.103  1.00 26.67 ? 7   U   S "C4'" 1 
ATOM   131 O "O4'" . U   A 1 7  ? 2.574   -3.840  -8.183  1.00 27.72 ? 7   U   S "O4'" 1 
ATOM   132 C "C3'" . U   A 1 7  ? 4.559   -3.838  -6.940  1.00 28.44 ? 7   U   S "C3'" 1 
ATOM   133 O "O3'" . U   A 1 7  ? 5.965   -3.981  -6.988  1.00 34.29 ? 7   U   S "O3'" 1 
ATOM   134 C "C2'" . U   A 1 7  ? 4.108   -2.396  -7.093  1.00 30.90 ? 7   U   S "C2'" 1 
ATOM   135 O "O2'" . U   A 1 7  ? 4.818   -1.766  -8.148  1.00 31.17 ? 7   U   S "O2'" 1 
ATOM   136 C "C1'" . U   A 1 7  ? 2.662   -2.587  -7.541  1.00 28.95 ? 7   U   S "C1'" 1 
ATOM   137 N N1    . U   A 1 7  ? 1.741   -2.582  -6.391  1.00 27.28 ? 7   U   S N1    1 
ATOM   138 C C2    . U   A 1 7  ? 1.461   -1.352  -5.816  1.00 30.56 ? 7   U   S C2    1 
ATOM   139 O O2    . U   A 1 7  ? 1.934   -0.304  -6.216  1.00 31.08 ? 7   U   S O2    1 
ATOM   140 N N3    . U   A 1 7  ? 0.610   -1.395  -4.752  1.00 29.98 ? 7   U   S N3    1 
ATOM   141 C C4    . U   A 1 7  ? 0.024   -2.518  -4.216  1.00 30.79 ? 7   U   S C4    1 
ATOM   142 O O4    . U   A 1 7  ? -0.733  -2.397  -3.254  1.00 32.87 ? 7   U   S O4    1 
ATOM   143 C C5    . U   A 1 7  ? 0.357   -3.745  -4.867  1.00 26.50 ? 7   U   S C5    1 
ATOM   144 C C6    . U   A 1 7  ? 1.189   -3.739  -5.907  1.00 27.56 ? 7   U   S C6    1 
ATOM   145 P P     . G   A 1 8  ? 6.863   -3.680  -5.689  1.00 35.93 ? 8   G   S P     1 
ATOM   146 O OP1   . G   A 1 8  ? 8.123   -4.412  -5.930  1.00 35.46 ? 8   G   S OP1   1 
ATOM   147 O OP2   . G   A 1 8  ? 6.060   -3.934  -4.471  1.00 35.58 ? 8   G   S OP2   1 
ATOM   148 O "O5'" . G   A 1 8  ? 7.120   -2.110  -5.728  1.00 34.68 ? 8   G   S "O5'" 1 
ATOM   149 C "C5'" . G   A 1 8  ? 7.715   -1.490  -6.854  1.00 33.50 ? 8   G   S "C5'" 1 
ATOM   150 C "C4'" . G   A 1 8  ? 7.830   0.002   -6.659  1.00 33.80 ? 8   G   S "C4'" 1 
ATOM   151 O "O4'" . G   A 1 8  ? 6.511   0.611   -6.632  1.00 36.50 ? 8   G   S "O4'" 1 
ATOM   152 C "C3'" . G   A 1 8  ? 8.463   0.459   -5.355  1.00 34.43 ? 8   G   S "C3'" 1 
ATOM   153 O "O3'" . G   A 1 8  ? 9.876   0.365   -5.357  1.00 33.35 ? 8   G   S "O3'" 1 
ATOM   154 C "C2'" . G   A 1 8  ? 7.940   1.882   -5.235  1.00 28.86 ? 8   G   S "C2'" 1 
ATOM   155 O "O2'" . G   A 1 8  ? 8.608   2.729   -6.158  1.00 31.38 ? 8   G   S "O2'" 1 
ATOM   156 C "C1'" . G   A 1 8  ? 6.511   1.703   -5.731  1.00 33.08 ? 8   G   S "C1'" 1 
ATOM   157 N N9    . G   A 1 8  ? 5.566   1.418   -4.632  1.00 27.00 ? 8   G   S N9    1 
ATOM   158 C C8    . G   A 1 8  ? 4.919   0.239   -4.365  1.00 30.82 ? 8   G   S C8    1 
ATOM   159 N N7    . G   A 1 8  ? 4.131   0.303   -3.322  1.00 30.20 ? 8   G   S N7    1 
ATOM   160 C C5    . G   A 1 8  ? 4.256   1.610   -2.871  1.00 27.14 ? 8   G   S C5    1 
ATOM   161 C C6    . G   A 1 8  ? 3.642   2.279   -1.775  1.00 27.19 ? 8   G   S C6    1 
ATOM   162 O O6    . G   A 1 8  ? 2.832   1.846   -0.950  1.00 29.35 ? 8   G   S O6    1 
ATOM   163 N N1    . G   A 1 8  ? 4.062   3.601   -1.682  1.00 25.59 ? 8   G   S N1    1 
ATOM   164 C C2    . G   A 1 8  ? 4.952   4.204   -2.535  1.00 26.94 ? 8   G   S C2    1 
ATOM   165 N N2    . G   A 1 8  ? 5.244   5.490   -2.291  1.00 26.28 ? 8   G   S N2    1 
ATOM   166 N N3    . G   A 1 8  ? 5.525   3.596   -3.558  1.00 28.88 ? 8   G   S N3    1 
ATOM   167 C C4    . G   A 1 8  ? 5.135   2.307   -3.672  1.00 28.93 ? 8   G   S C4    1 
ATOM   168 P P     . C   A 1 9  ? 10.682  0.193   -3.980  1.00 32.65 ? 9   C   S P     1 
ATOM   169 O OP1   . C   A 1 9  ? 12.105  0.035   -4.349  1.00 35.91 ? 9   C   S OP1   1 
ATOM   170 O OP2   . C   A 1 9  ? 10.015  -0.768  -3.070  1.00 29.05 ? 9   C   S OP2   1 
ATOM   171 O "O5'" . C   A 1 9  ? 10.530  1.615   -3.286  1.00 32.53 ? 9   C   S "O5'" 1 
ATOM   172 C "C5'" . C   A 1 9  ? 11.049  2.781   -3.902  1.00 30.83 ? 9   C   S "C5'" 1 
ATOM   173 C "C4'" . C   A 1 9  ? 10.840  3.975   -3.014  1.00 28.68 ? 9   C   S "C4'" 1 
ATOM   174 O "O4'" . C   A 1 9  ? 9.421   4.250   -2.894  1.00 28.87 ? 9   C   S "O4'" 1 
ATOM   175 C "C3'" . C   A 1 9  ? 11.289  3.788   -1.578  1.00 25.35 ? 9   C   S "C3'" 1 
ATOM   176 O "O3'" . C   A 1 9  ? 12.679  3.960   -1.413  1.00 28.82 ? 9   C   S "O3'" 1 
ATOM   177 C "C2'" . C   A 1 9  ? 10.456  4.817   -0.836  1.00 28.03 ? 9   C   S "C2'" 1 
ATOM   178 O "O2'" . C   A 1 9  ? 10.979  6.118   -1.056  1.00 24.62 ? 9   C   S "O2'" 1 
ATOM   179 C "C1'" . C   A 1 9  ? 9.133   4.717   -1.591  1.00 26.58 ? 9   C   S "C1'" 1 
ATOM   180 N N1    . C   A 1 9  ? 8.174   3.787   -0.951  1.00 25.34 ? 9   C   S N1    1 
ATOM   181 C C2    . C   A 1 9  ? 7.363   4.299   0.064   1.00 25.07 ? 9   C   S C2    1 
ATOM   182 O O2    . C   A 1 9  ? 7.510   5.492   0.396   1.00 24.43 ? 9   C   S O2    1 
ATOM   183 N N3    . C   A 1 9  ? 6.450   3.494   0.652   1.00 24.55 ? 9   C   S N3    1 
ATOM   184 C C4    . C   A 1 9  ? 6.332   2.226   0.257   1.00 26.86 ? 9   C   S C4    1 
ATOM   185 N N4    . C   A 1 9  ? 5.422   1.466   0.870   1.00 22.22 ? 9   C   S N4    1 
ATOM   186 C C5    . C   A 1 9  ? 7.150   1.679   -0.777  1.00 26.83 ? 9   C   S C5    1 
ATOM   187 C C6    . C   A 1 9  ? 8.053   2.485   -1.348  1.00 26.65 ? 9   C   S C6    1 
ATOM   188 P P     . U   A 1 10 ? 13.416  3.273   -0.176  1.00 29.19 ? 10  U   S P     1 
ATOM   189 O OP1   . U   A 1 10 ? 14.850  3.627   -0.304  1.00 26.38 ? 10  U   S OP1   1 
ATOM   190 O OP2   . U   A 1 10 ? 13.004  1.857   -0.060  1.00 27.20 ? 10  U   S OP2   1 
ATOM   191 O "O5'" . U   A 1 10 ? 12.825  4.055   1.077   1.00 25.87 ? 10  U   S "O5'" 1 
ATOM   192 C "C5'" . U   A 1 10 ? 12.381  3.383   2.244   1.00 25.72 ? 10  U   S "C5'" 1 
ATOM   193 C "C4'" . U   A 1 10 ? 11.537  4.304   3.094   1.00 22.36 ? 10  U   S "C4'" 1 
ATOM   194 O "O4'" . U   A 1 10 ? 10.181  4.343   2.579   1.00 21.39 ? 10  U   S "O4'" 1 
ATOM   195 C "C3'" . U   A 1 10 ? 11.365  3.916   4.555   1.00 23.92 ? 10  U   S "C3'" 1 
ATOM   196 O "O3'" . U   A 1 10 ? 12.455  4.323   5.359   1.00 23.05 ? 10  U   S "O3'" 1 
ATOM   197 C "C2'" . U   A 1 10 ? 10.069  4.613   4.928   1.00 22.18 ? 10  U   S "C2'" 1 
ATOM   198 O "O2'" . U   A 1 10 ? 10.289  5.998   5.151   1.00 21.60 ? 10  U   S "O2'" 1 
ATOM   199 C "C1'" . U   A 1 10 ? 9.266   4.454   3.639   1.00 20.40 ? 10  U   S "C1'" 1 
ATOM   200 N N1    . U   A 1 10 ? 8.459   3.221   3.664   1.00 25.61 ? 10  U   S N1    1 
ATOM   201 C C2    . U   A 1 10 ? 7.347   3.231   4.468   1.00 25.35 ? 10  U   S C2    1 
ATOM   202 O O2    . U   A 1 10 ? 7.038   4.206   5.131   1.00 26.05 ? 10  U   S O2    1 
ATOM   203 N N3    . U   A 1 10 ? 6.626   2.061   4.462   1.00 27.39 ? 10  U   S N3    1 
ATOM   204 C C4    . U   A 1 10 ? 6.912   0.919   3.739   1.00 28.08 ? 10  U   S C4    1 
ATOM   205 O O4    . U   A 1 10 ? 6.167   -0.060  3.834   1.00 33.84 ? 10  U   S O4    1 
ATOM   206 C C5    . U   A 1 10 ? 8.088   0.994   2.931   1.00 30.07 ? 10  U   S C5    1 
ATOM   207 C C6    . U   A 1 10 ? 8.809   2.122   2.923   1.00 25.92 ? 10  U   S C6    1 
ATOM   208 P P     . G   A 1 11 ? 13.052  3.343   6.474   1.00 24.08 ? 11  G   S P     1 
ATOM   209 O OP1   . G   A 1 11 ? 14.346  3.947   6.844   1.00 22.52 ? 11  G   S OP1   1 
ATOM   210 O OP2   . G   A 1 11 ? 12.949  1.942   6.000   1.00 25.24 ? 11  G   S OP2   1 
ATOM   211 O "O5'" . G   A 1 11 ? 12.047  3.504   7.696   1.00 25.97 ? 11  G   S "O5'" 1 
ATOM   212 C "C5'" . G   A 1 11 ? 11.854  4.763   8.314   1.00 24.98 ? 11  G   S "C5'" 1 
ATOM   213 C "C4'" . G   A 1 11 ? 10.593  4.777   9.131   1.00 25.63 ? 11  G   S "C4'" 1 
ATOM   214 O "O4'" . G   A 1 11 ? 9.441   4.609   8.269   1.00 26.35 ? 11  G   S "O4'" 1 
ATOM   215 C "C3'" . G   A 1 11 ? 10.449  3.658   10.144  1.00 24.08 ? 11  G   S "C3'" 1 
ATOM   216 O "O3'" . G   A 1 11 ? 11.186  3.887   11.326  1.00 24.14 ? 11  G   S "O3'" 1 
ATOM   217 C "C2'" . G   A 1 11 ? 8.951   3.628   10.362  1.00 22.30 ? 11  G   S "C2'" 1 
ATOM   218 O "O2'" . G   A 1 11 ? 8.553   4.743   11.146  1.00 23.86 ? 11  G   S "O2'" 1 
ATOM   219 C "C1'" . G   A 1 11 ? 8.456   3.851   8.934   1.00 26.12 ? 11  G   S "C1'" 1 
ATOM   220 N N9    . G   A 1 11 ? 8.297   2.569   8.220   1.00 24.18 ? 11  G   S N9    1 
ATOM   221 C C8    . G   A 1 11 ? 9.100   2.030   7.258   1.00 23.58 ? 11  G   S C8    1 
ATOM   222 N N7    . G   A 1 11 ? 8.669   0.863   6.834   1.00 26.71 ? 11  G   S N7    1 
ATOM   223 C C5    . G   A 1 11 ? 7.513   0.619   7.567   1.00 25.46 ? 11  G   S C5    1 
ATOM   224 C C6    . G   A 1 11 ? 6.605   -0.478  7.576   1.00 28.60 ? 11  G   S C6    1 
ATOM   225 O O6    . G   A 1 11 ? 6.629   -1.512  6.891   1.00 30.71 ? 11  G   S O6    1 
ATOM   226 N N1    . G   A 1 11 ? 5.577   -0.288  8.502   1.00 28.88 ? 11  G   S N1    1 
ATOM   227 C C2    . G   A 1 11 ? 5.437   0.805   9.320   1.00 25.95 ? 11  G   S C2    1 
ATOM   228 N N2    . G   A 1 11 ? 4.385   0.817   10.153  1.00 26.19 ? 11  G   S N2    1 
ATOM   229 N N3    . G   A 1 11 ? 6.273   1.831   9.317   1.00 25.75 ? 11  G   S N3    1 
ATOM   230 C C4    . G   A 1 11 ? 7.281   1.669   8.434   1.00 27.15 ? 11  G   S C4    1 
ATOM   231 P P     . A   A 1 12 ? 11.672  2.661   12.231  1.00 26.39 ? 12  A   S P     1 
ATOM   232 O OP1   . A   A 1 12 ? 12.534  3.228   13.299  1.00 26.88 ? 12  A   S OP1   1 
ATOM   233 O OP2   . A   A 1 12 ? 12.206  1.570   11.376  1.00 24.63 ? 12  A   S OP2   1 
ATOM   234 O "O5'" . A   A 1 12 ? 10.329  2.152   12.930  1.00 21.07 ? 12  A   S "O5'" 1 
ATOM   235 C "C5'" . A   A 1 12 ? 9.652   2.969   13.873  1.00 21.84 ? 12  A   S "C5'" 1 
ATOM   236 C "C4'" . A   A 1 12 ? 8.454   2.264   14.453  1.00 21.62 ? 12  A   S "C4'" 1 
ATOM   237 O "O4'" . A   A 1 12 ? 7.433   2.080   13.429  1.00 22.26 ? 12  A   S "O4'" 1 
ATOM   238 C "C3'" . A   A 1 12 ? 8.702   0.858   14.971  1.00 21.91 ? 12  A   S "C3'" 1 
ATOM   239 O "O3'" . A   A 1 12 ? 9.320   0.825   16.246  1.00 20.40 ? 12  A   S "O3'" 1 
ATOM   240 C "C2'" . A   A 1 12 ? 7.302   0.267   14.944  1.00 24.54 ? 12  A   S "C2'" 1 
ATOM   241 O "O2'" . A   A 1 12 ? 6.522   0.818   15.991  1.00 23.22 ? 12  A   S "O2'" 1 
ATOM   242 C "C1'" . A   A 1 12 ? 6.782   0.841   13.625  1.00 23.81 ? 12  A   S "C1'" 1 
ATOM   243 N N9    . A   A 1 12 ? 7.135   -0.046  12.504  1.00 24.15 ? 12  A   S N9    1 
ATOM   244 C C8    . A   A 1 12 ? 8.205   0.075   11.659  1.00 20.76 ? 12  A   S C8    1 
ATOM   245 N N7    . A   A 1 12 ? 8.276   -0.877  10.765  1.00 24.35 ? 12  A   S N7    1 
ATOM   246 C C5    . A   A 1 12 ? 7.187   -1.696  11.039  1.00 24.55 ? 12  A   S C5    1 
ATOM   247 C C6    . A   A 1 12 ? 6.718   -2.875  10.429  1.00 26.87 ? 12  A   S C6    1 
ATOM   248 N N6    . A   A 1 12 ? 7.310   -3.461  9.384   1.00 25.79 ? 12  A   S N6    1 
ATOM   249 N N1    . A   A 1 12 ? 5.610   -3.442  10.953  1.00 26.71 ? 12  A   S N1    1 
ATOM   250 C C2    . A   A 1 12 ? 5.018   -2.843  12.000  1.00 26.99 ? 12  A   S C2    1 
ATOM   251 N N3    . A   A 1 12 ? 5.363   -1.730  12.654  1.00 26.29 ? 12  A   S N3    1 
ATOM   252 C C4    . A   A 1 12 ? 6.476   -1.198  12.116  1.00 25.61 ? 12  A   S C4    1 
ATOM   253 P P     . A   A 1 13 ? 10.276  -0.405  16.646  1.00 23.09 ? 13  A   S P     1 
ATOM   254 O OP1   . A   A 1 13 ? 10.851  -0.062  17.968  1.00 20.77 ? 13  A   S OP1   1 
ATOM   255 O OP2   . A   A 1 13 ? 11.166  -0.744  15.503  1.00 23.90 ? 13  A   S OP2   1 
ATOM   256 O "O5'" . A   A 1 13 ? 9.274   -1.617  16.843  1.00 20.99 ? 13  A   S "O5'" 1 
ATOM   257 C "C5'" . A   A 1 13 ? 8.281   -1.578  17.849  1.00 22.05 ? 13  A   S "C5'" 1 
ATOM   258 C "C4'" . A   A 1 13 ? 7.288   -2.687  17.628  1.00 22.57 ? 13  A   S "C4'" 1 
ATOM   259 O "O4'" . A   A 1 13 ? 6.806   -2.623  16.265  1.00 23.08 ? 13  A   S "O4'" 1 
ATOM   260 C "C3'" . A   A 1 13 ? 7.848   -4.093  17.755  1.00 24.67 ? 13  A   S "C3'" 1 
ATOM   261 O "O3'" . A   A 1 13 ? 7.928   -4.528  19.101  1.00 23.15 ? 13  A   S "O3'" 1 
ATOM   262 C "C2'" . A   A 1 13 ? 6.886   -4.910  16.906  1.00 26.92 ? 13  A   S "C2'" 1 
ATOM   263 O "O2'" . A   A 1 13 ? 5.691   -5.157  17.629  1.00 24.58 ? 13  A   S "O2'" 1 
ATOM   264 C "C1'" . A   A 1 13 ? 6.573   -3.926  15.775  1.00 25.02 ? 13  A   S "C1'" 1 
ATOM   265 N N9    . A   A 1 13 ? 7.407   -4.146  14.576  1.00 23.80 ? 13  A   S N9    1 
ATOM   266 C C8    . A   A 1 13 ? 8.521   -3.455  14.168  1.00 25.63 ? 13  A   S C8    1 
ATOM   267 N N7    . A   A 1 13 ? 9.038   -3.905  13.048  1.00 27.66 ? 13  A   S N7    1 
ATOM   268 C C5    . A   A 1 13 ? 8.208   -4.961  12.688  1.00 26.21 ? 13  A   S C5    1 
ATOM   269 C C6    . A   A 1 13 ? 8.211   -5.857  11.598  1.00 28.69 ? 13  A   S C6    1 
ATOM   270 N N6    . A   A 1 13 ? 9.115   -5.838  10.614  1.00 23.37 ? 13  A   S N6    1 
ATOM   271 N N1    . A   A 1 13 ? 7.242   -6.800  11.553  1.00 28.63 ? 13  A   S N1    1 
ATOM   272 C C2    . A   A 1 13 ? 6.330   -6.833  12.527  1.00 26.02 ? 13  A   S C2    1 
ATOM   273 N N3    . A   A 1 13 ? 6.219   -6.038  13.591  1.00 23.60 ? 13  A   S N3    1 
ATOM   274 C C4    . A   A 1 13 ? 7.199   -5.115  13.616  1.00 25.31 ? 13  A   S C4    1 
HETATM 275 O O     . HOH B 2 .  ? -16.044 2.385   1.207   1.00 35.36 ? 101 HOH S O     1 
HETATM 276 O O     . HOH B 2 .  ? -12.145 15.547  -2.824  1.00 43.70 ? 102 HOH S O     1 
HETATM 277 O O     . HOH B 2 .  ? -11.947 -4.301  0.608   1.00 40.09 ? 103 HOH S O     1 
HETATM 278 O O     . HOH B 2 .  ? -9.554  -10.181 -2.635  1.00 53.65 ? 104 HOH S O     1 
HETATM 279 O O     . HOH B 2 .  ? 9.337   -6.577  19.436  1.00 26.73 ? 105 HOH S O     1 
HETATM 280 O O     . HOH B 2 .  ? 4.608   4.623   -5.680  1.00 42.45 ? 106 HOH S O     1 
HETATM 281 O O     . HOH B 2 .  ? 13.983  0.401   -2.679  1.00 51.17 ? 107 HOH S O     1 
HETATM 282 O O     . HOH B 2 .  ? -11.349 6.181   -8.389  1.00 31.81 ? 108 HOH S O     1 
HETATM 283 O O     . HOH B 2 .  ? -10.615 9.797   -4.631  1.00 59.45 ? 109 HOH S O     1 
HETATM 284 O O     . HOH B 2 .  ? 14.777  1.217   10.820  1.00 41.68 ? 110 HOH S O     1 
HETATM 285 O O     . HOH B 2 .  ? 5.776   4.679   7.421   1.00 27.42 ? 111 HOH S O     1 
HETATM 286 O O     . HOH B 2 .  ? 12.220  -0.655  12.837  1.00 28.53 ? 112 HOH S O     1 
HETATM 287 O O     . HOH B 2 .  ? -4.389  -12.402 -6.754  1.00 43.56 ? 113 HOH S O     1 
HETATM 288 O O     . HOH B 2 .  ? 4.965   -0.247  17.873  1.00 24.14 ? 114 HOH S O     1 
HETATM 289 O O     . HOH B 2 .  ? 1.903   -4.298  -11.584 1.00 24.54 ? 115 HOH S O     1 
HETATM 290 O O     . HOH B 2 .  ? 3.040   -0.942  13.705  1.00 29.33 ? 116 HOH S O     1 
HETATM 291 O O     . HOH B 2 .  ? 5.075   -1.078  0.098   1.00 33.53 ? 117 HOH S O     1 
HETATM 292 O O     . HOH B 2 .  ? 12.381  -0.220  7.499   1.00 38.76 ? 118 HOH S O     1 
HETATM 293 O O     . HOH B 2 .  ? 10.921  0.314   0.684   1.00 29.47 ? 119 HOH S O     1 
HETATM 294 O O     . HOH B 2 .  ? -19.202 5.895   -4.308  1.00 35.19 ? 120 HOH S O     1 
HETATM 295 O O     . HOH B 2 .  ? 15.479  4.021   9.310   1.00 38.11 ? 121 HOH S O     1 
HETATM 296 O O     . HOH B 2 .  ? 12.553  7.503   5.304   1.00 27.15 ? 122 HOH S O     1 
HETATM 297 O O     . HOH B 2 .  ? 8.356   5.445   -6.135  1.00 33.62 ? 123 HOH S O     1 
HETATM 298 O O     . HOH B 2 .  ? 9.915   6.836   12.307  1.00 31.04 ? 124 HOH S O     1 
HETATM 299 O O     . HOH B 2 .  ? -19.017 7.374   -2.047  1.00 37.26 ? 125 HOH S O     1 
HETATM 300 O O     . HOH B 2 .  ? -6.286  -8.527  -0.399  1.00 45.77 ? 126 HOH S O     1 
HETATM 301 O O     . HOH B 2 .  ? -1.007  -7.362  -4.167  1.00 33.84 ? 127 HOH S O     1 
HETATM 302 O O     . HOH B 2 .  ? 5.347   -7.071  19.622  1.00 38.70 ? 128 HOH S O     1 
HETATM 303 O O     . HOH B 2 .  ? 2.356   -8.739  -10.936 1.00 26.23 ? 129 HOH S O     1 
HETATM 304 O O     . HOH B 2 .  ? 4.087   -6.629  15.306  1.00 40.39 ? 130 HOH S O     1 
HETATM 305 O O     . HOH B 2 .  ? 5.822   4.240   10.785  1.00 25.99 ? 131 HOH S O     1 
HETATM 306 O O     . HOH B 2 .  ? -4.292  -5.845  -3.692  1.00 31.75 ? 132 HOH S O     1 
HETATM 307 O O     . HOH B 2 .  ? 10.309  -1.177  5.766   1.00 31.71 ? 133 HOH S O     1 
HETATM 308 O O     . HOH B 2 .  ? -9.204  4.876   -5.413  1.00 44.03 ? 134 HOH S O     1 
HETATM 309 O O     . HOH B 2 .  ? -6.695  -5.614  -11.950 1.00 25.28 ? 135 HOH S O     1 
HETATM 310 O O     . HOH B 2 .  ? 14.205  0.168   4.091   1.00 37.41 ? 136 HOH S O     1 
HETATM 311 O O     . HOH B 2 .  ? -9.841  -7.482  -10.793 1.00 42.84 ? 137 HOH S O     1 
HETATM 312 O O     . HOH B 2 .  ? 10.609  0.012   9.279   1.00 31.32 ? 138 HOH S O     1 
HETATM 313 O O     . HOH B 2 .  ? 9.339   -2.746  7.417   1.00 36.92 ? 139 HOH S O     1 
HETATM 314 O O     . HOH B 2 .  ? 0.502   1.325   -3.677  0.50 31.52 ? 140 HOH S O     1 
HETATM 315 O O     . HOH B 2 .  ? -0.112  -11.807 -5.844  1.00 36.25 ? 141 HOH S O     1 
HETATM 316 O O     . HOH B 2 .  ? 11.130  -3.894  9.591   1.00 30.59 ? 142 HOH S O     1 
HETATM 317 O O     . HOH B 2 .  ? -6.762  -2.038  -4.338  1.00 32.59 ? 143 HOH S O     1 
HETATM 318 O O     . HOH B 2 .  ? 3.979   -2.462  -10.949 1.00 27.44 ? 144 HOH S O     1 
HETATM 319 O O     . HOH B 2 .  ? 3.219   2.456   -6.294  0.50 32.97 ? 145 HOH S O     1 
HETATM 320 O O     . HOH B 2 .  ? 9.310   8.295   -2.418  1.00 22.00 ? 146 HOH S O     1 
HETATM 321 O O     . HOH B 2 .  ? 2.573   -6.391  -3.121  1.00 35.26 ? 147 HOH S O     1 
HETATM 322 O O     . HOH B 2 .  ? -9.677  0.378   -4.457  1.00 33.78 ? 148 HOH S O     1 
HETATM 323 O O     . HOH B 2 .  ? 3.103   -0.415  3.836   1.00 36.21 ? 149 HOH S O     1 
HETATM 324 O O     . HOH B 2 .  ? 7.482   6.878   -3.940  1.00 28.41 ? 150 HOH S O     1 
HETATM 325 O O     . HOH B 2 .  ? -13.854 9.181   -11.684 0.50 35.21 ? 151 HOH S O     1 
HETATM 326 O O     . HOH B 2 .  ? -9.183  2.284   -2.524  1.00 39.38 ? 152 HOH S O     1 
HETATM 327 O O     . HOH B 2 .  ? -5.428  0.887   -4.881  1.00 42.47 ? 153 HOH S O     1 
HETATM 328 O O     . HOH B 2 .  ? 0.459   -10.716 -3.780  1.00 40.12 ? 154 HOH S O     1 
HETATM 329 O O     . HOH B 2 .  ? 2.583   -4.138  16.143  1.00 39.30 ? 155 HOH S O     1 
HETATM 330 O O     . HOH B 2 .  ? 14.108  1.409   16.102  1.00 39.60 ? 156 HOH S O     1 
HETATM 331 O O     . HOH B 2 .  ? 6.230   1.395   -10.727 1.00 39.16 ? 157 HOH S O     1 
HETATM 332 O O     . HOH B 2 .  ? 10.857  6.437   -6.414  1.00 36.54 ? 158 HOH S O     1 
# 
loop_
_pdbx_poly_seq_scheme.asym_id 
_pdbx_poly_seq_scheme.entity_id 
_pdbx_poly_seq_scheme.seq_id 
_pdbx_poly_seq_scheme.mon_id 
_pdbx_poly_seq_scheme.ndb_seq_num 
_pdbx_poly_seq_scheme.pdb_seq_num 
_pdbx_poly_seq_scheme.auth_seq_num 
_pdbx_poly_seq_scheme.pdb_mon_id 
_pdbx_poly_seq_scheme.auth_mon_id 
_pdbx_poly_seq_scheme.pdb_strand_id 
_pdbx_poly_seq_scheme.pdb_ins_code 
_pdbx_poly_seq_scheme.hetero 
A 1 1  U 1  1  1  U U S . n 
A 1 2  U 2  2  2  U U S . n 
A 1 3  C 3  3  3  C C S . n 
A 1 4  U 4  4  4  U U S . n 
A 1 5  G 5  5  5  G G S . n 
A 1 6  C 6  6  6  C C S . n 
A 1 7  U 7  7  7  U U S . n 
A 1 8  G 8  8  8  G G S . n 
A 1 9  C 9  9  9  C C S . n 
A 1 10 U 10 10 10 U U S . n 
A 1 11 G 11 11 11 G G S . n 
A 1 12 A 12 12 12 A A S . n 
A 1 13 A 13 13 13 A A S . n 
# 
_pdbx_contact_author.id                 2 
_pdbx_contact_author.email              mhho@nchu.edu.tw 
_pdbx_contact_author.name_first         Ming-Hon 
_pdbx_contact_author.name_last          Hou 
_pdbx_contact_author.name_mi            ? 
_pdbx_contact_author.role               'principal investigator/group leader' 
_pdbx_contact_author.identifier_ORCID   0000-0003-4170-1527 
# 
loop_
_pdbx_nonpoly_scheme.asym_id 
_pdbx_nonpoly_scheme.entity_id 
_pdbx_nonpoly_scheme.mon_id 
_pdbx_nonpoly_scheme.ndb_seq_num 
_pdbx_nonpoly_scheme.pdb_seq_num 
_pdbx_nonpoly_scheme.auth_seq_num 
_pdbx_nonpoly_scheme.pdb_mon_id 
_pdbx_nonpoly_scheme.auth_mon_id 
_pdbx_nonpoly_scheme.pdb_strand_id 
_pdbx_nonpoly_scheme.pdb_ins_code 
B 2 HOH 1  101 8  HOH HOH S . 
B 2 HOH 2  102 50 HOH HOH S . 
B 2 HOH 3  103 28 HOH HOH S . 
B 2 HOH 4  104 42 HOH HOH S . 
B 2 HOH 5  105 6  HOH HOH S . 
B 2 HOH 6  106 32 HOH HOH S . 
B 2 HOH 7  107 57 HOH HOH S . 
B 2 HOH 8  108 14 HOH HOH S . 
B 2 HOH 9  109 58 HOH HOH S . 
B 2 HOH 10 110 12 HOH HOH S . 
B 2 HOH 11 111 2  HOH HOH S . 
B 2 HOH 12 112 54 HOH HOH S . 
B 2 HOH 13 113 23 HOH HOH S . 
B 2 HOH 14 114 4  HOH HOH S . 
B 2 HOH 15 115 16 HOH HOH S . 
B 2 HOH 16 116 9  HOH HOH S . 
B 2 HOH 17 117 10 HOH HOH S . 
B 2 HOH 18 118 52 HOH HOH S . 
B 2 HOH 19 119 7  HOH HOH S . 
B 2 HOH 20 120 18 HOH HOH S . 
B 2 HOH 21 121 26 HOH HOH S . 
B 2 HOH 22 122 21 HOH HOH S . 
B 2 HOH 23 123 20 HOH HOH S . 
B 2 HOH 24 124 27 HOH HOH S . 
B 2 HOH 25 125 29 HOH HOH S . 
B 2 HOH 26 126 25 HOH HOH S . 
B 2 HOH 27 127 34 HOH HOH S . 
B 2 HOH 28 128 45 HOH HOH S . 
B 2 HOH 29 129 5  HOH HOH S . 
B 2 HOH 30 130 56 HOH HOH S . 
B 2 HOH 31 131 13 HOH HOH S . 
B 2 HOH 32 132 24 HOH HOH S . 
B 2 HOH 33 133 30 HOH HOH S . 
B 2 HOH 34 134 38 HOH HOH S . 
B 2 HOH 35 135 3  HOH HOH S . 
B 2 HOH 36 136 33 HOH HOH S . 
B 2 HOH 37 137 44 HOH HOH S . 
B 2 HOH 38 138 37 HOH HOH S . 
B 2 HOH 39 139 49 HOH HOH S . 
B 2 HOH 40 140 43 HOH HOH S . 
B 2 HOH 41 141 19 HOH HOH S . 
B 2 HOH 42 142 39 HOH HOH S . 
B 2 HOH 43 143 35 HOH HOH S . 
B 2 HOH 44 144 17 HOH HOH S . 
B 2 HOH 45 145 22 HOH HOH S . 
B 2 HOH 46 146 1  HOH HOH S . 
B 2 HOH 47 147 40 HOH HOH S . 
B 2 HOH 48 148 36 HOH HOH S . 
B 2 HOH 49 149 48 HOH HOH S . 
B 2 HOH 50 150 11 HOH HOH S . 
B 2 HOH 51 151 51 HOH HOH S . 
B 2 HOH 52 152 46 HOH HOH S . 
B 2 HOH 53 153 47 HOH HOH S . 
B 2 HOH 54 154 31 HOH HOH S . 
B 2 HOH 55 155 53 HOH HOH S . 
B 2 HOH 56 156 55 HOH HOH S . 
B 2 HOH 57 157 41 HOH HOH S . 
B 2 HOH 58 158 15 HOH HOH S . 
# 
_pdbx_struct_assembly.id                   1 
_pdbx_struct_assembly.details              author_and_software_defined_assembly 
_pdbx_struct_assembly.method_details       PISA 
_pdbx_struct_assembly.oligomeric_details   dimeric 
_pdbx_struct_assembly.oligomeric_count     2 
# 
_pdbx_struct_assembly_gen.assembly_id       1 
_pdbx_struct_assembly_gen.oper_expression   1,2 
_pdbx_struct_assembly_gen.asym_id_list      A,B 
# 
loop_
_pdbx_struct_assembly_prop.biol_id 
_pdbx_struct_assembly_prop.type 
_pdbx_struct_assembly_prop.value 
_pdbx_struct_assembly_prop.details 
1 'ABSA (A^2)' 1240 ? 
1 MORE         -11  ? 
1 'SSA (A^2)'  5030 ? 
# 
loop_
_pdbx_struct_oper_list.id 
_pdbx_struct_oper_list.type 
_pdbx_struct_oper_list.name 
_pdbx_struct_oper_list.symmetry_operation 
_pdbx_struct_oper_list.matrix[1][1] 
_pdbx_struct_oper_list.matrix[1][2] 
_pdbx_struct_oper_list.matrix[1][3] 
_pdbx_struct_oper_list.vector[1] 
_pdbx_struct_oper_list.matrix[2][1] 
_pdbx_struct_oper_list.matrix[2][2] 
_pdbx_struct_oper_list.matrix[2][3] 
_pdbx_struct_oper_list.vector[2] 
_pdbx_struct_oper_list.matrix[3][1] 
_pdbx_struct_oper_list.matrix[3][2] 
_pdbx_struct_oper_list.matrix[3][3] 
_pdbx_struct_oper_list.vector[3] 
1 'identity operation'         1_555 x,y,z         1.0000000000  0.0000000000 0.0000000000  0.0000000000  0.0000000000 1.0000000000  0.0000000000  0.0000000000 0.0000000000  0.0000000000  1.0000000000  0.0000000000  
2 'crystal symmetry operation' 5_555 x-y,-y,-z+1/3 -0.0480178414 0.3963538627 -0.9168412635 -3.3709437296 0.3963538627 -0.8349796968 -0.3817230953 0.8280658855 -0.9168412635 -0.3817230953 -0.1170024619 -3.1421700688 
# 
loop_
_pdbx_struct_special_symmetry.id 
_pdbx_struct_special_symmetry.PDB_model_num 
_pdbx_struct_special_symmetry.auth_asym_id 
_pdbx_struct_special_symmetry.auth_comp_id 
_pdbx_struct_special_symmetry.auth_seq_id 
_pdbx_struct_special_symmetry.PDB_ins_code 
_pdbx_struct_special_symmetry.label_asym_id 
_pdbx_struct_special_symmetry.label_comp_id 
_pdbx_struct_special_symmetry.label_seq_id 
1 1 S HOH 140 ? B HOH . 
2 1 S HOH 145 ? B HOH . 
3 1 S HOH 151 ? B HOH . 
# 
loop_
_pdbx_audit_revision_history.ordinal 
_pdbx_audit_revision_history.data_content_type 
_pdbx_audit_revision_history.major_revision 
_pdbx_audit_revision_history.minor_revision 
_pdbx_audit_revision_history.revision_date 
1 'Structure model' 1 0 2023-05-31 
2 'Structure model' 1 1 2023-06-07 
3 'Structure model' 1 2 2023-07-12 
4 'Structure model' 1 3 2023-11-29 
# 
_pdbx_audit_revision_details.ordinal             1 
_pdbx_audit_revision_details.revision_ordinal    1 
_pdbx_audit_revision_details.data_content_type   'Structure model' 
_pdbx_audit_revision_details.provider            repository 
_pdbx_audit_revision_details.type                'Initial release' 
_pdbx_audit_revision_details.description         ? 
_pdbx_audit_revision_details.details             ? 
# 
loop_
_pdbx_audit_revision_group.ordinal 
_pdbx_audit_revision_group.revision_ordinal 
_pdbx_audit_revision_group.data_content_type 
_pdbx_audit_revision_group.group 
1 2 'Structure model' 'Database references'    
2 3 'Structure model' 'Database references'    
3 4 'Structure model' 'Data collection'        
4 4 'Structure model' 'Refinement description' 
# 
loop_
_pdbx_audit_revision_category.ordinal 
_pdbx_audit_revision_category.revision_ordinal 
_pdbx_audit_revision_category.data_content_type 
_pdbx_audit_revision_category.category 
1 2 'Structure model' citation                      
2 2 'Structure model' citation_author               
3 3 'Structure model' citation                      
4 4 'Structure model' chem_comp_atom                
5 4 'Structure model' chem_comp_bond                
6 4 'Structure model' pdbx_initial_refinement_model 
# 
loop_
_pdbx_audit_revision_item.ordinal 
_pdbx_audit_revision_item.revision_ordinal 
_pdbx_audit_revision_item.data_content_type 
_pdbx_audit_revision_item.item 
1  2 'Structure model' '_citation.country'                 
2  2 'Structure model' '_citation.journal_abbrev'          
3  2 'Structure model' '_citation.journal_id_ASTM'         
4  2 'Structure model' '_citation.journal_id_CSD'          
5  2 'Structure model' '_citation.journal_id_ISSN'         
6  2 'Structure model' '_citation.page_first'              
7  2 'Structure model' '_citation.page_last'               
8  2 'Structure model' '_citation.pdbx_database_id_DOI'    
9  2 'Structure model' '_citation.pdbx_database_id_PubMed' 
10 2 'Structure model' '_citation.title'                   
11 2 'Structure model' '_citation.year'                    
12 3 'Structure model' '_citation.journal_volume'          
# 
loop_
_software.citation_id 
_software.classification 
_software.compiler_name 
_software.compiler_version 
_software.contact_author 
_software.contact_author_email 
_software.date 
_software.description 
_software.dependencies 
_software.hardware 
_software.language 
_software.location 
_software.mods 
_software.name 
_software.os 
_software.os_version 
_software.type 
_software.version 
_software.pdbx_ordinal 
? 'data scaling'    ? ? ? ? ? ? ? ? ? ? ? HKL-2000    ? ? ? .           1 
? refinement        ? ? ? ? ? ? ? ? ? ? ? PHENIX      ? ? ? 1.18.2_3874 2 
? 'data extraction' ? ? ? ? ? ? ? ? ? ? ? PDB_EXTRACT ? ? ? 3.27        3 
? 'data reduction'  ? ? ? ? ? ? ? ? ? ? ? HKL-2000    ? ? ? .           4 
? phasing           ? ? ? ? ? ? ? ? ? ? ? PHENIX      ? ? ? 1.18.2_3874 5 
# 
loop_
_chem_comp_atom.comp_id 
_chem_comp_atom.atom_id 
_chem_comp_atom.type_symbol 
_chem_comp_atom.pdbx_aromatic_flag 
_chem_comp_atom.pdbx_stereo_config 
_chem_comp_atom.pdbx_ordinal 
A   OP3    O N N 1   
A   P      P N N 2   
A   OP1    O N N 3   
A   OP2    O N N 4   
A   "O5'"  O N N 5   
A   "C5'"  C N N 6   
A   "C4'"  C N R 7   
A   "O4'"  O N N 8   
A   "C3'"  C N S 9   
A   "O3'"  O N N 10  
A   "C2'"  C N R 11  
A   "O2'"  O N N 12  
A   "C1'"  C N R 13  
A   N9     N Y N 14  
A   C8     C Y N 15  
A   N7     N Y N 16  
A   C5     C Y N 17  
A   C6     C Y N 18  
A   N6     N N N 19  
A   N1     N Y N 20  
A   C2     C Y N 21  
A   N3     N Y N 22  
A   C4     C Y N 23  
A   HOP3   H N N 24  
A   HOP2   H N N 25  
A   "H5'"  H N N 26  
A   "H5''" H N N 27  
A   "H4'"  H N N 28  
A   "H3'"  H N N 29  
A   "HO3'" H N N 30  
A   "H2'"  H N N 31  
A   "HO2'" H N N 32  
A   "H1'"  H N N 33  
A   H8     H N N 34  
A   H61    H N N 35  
A   H62    H N N 36  
A   H2     H N N 37  
C   OP3    O N N 38  
C   P      P N N 39  
C   OP1    O N N 40  
C   OP2    O N N 41  
C   "O5'"  O N N 42  
C   "C5'"  C N N 43  
C   "C4'"  C N R 44  
C   "O4'"  O N N 45  
C   "C3'"  C N S 46  
C   "O3'"  O N N 47  
C   "C2'"  C N R 48  
C   "O2'"  O N N 49  
C   "C1'"  C N R 50  
C   N1     N N N 51  
C   C2     C N N 52  
C   O2     O N N 53  
C   N3     N N N 54  
C   C4     C N N 55  
C   N4     N N N 56  
C   C5     C N N 57  
C   C6     C N N 58  
C   HOP3   H N N 59  
C   HOP2   H N N 60  
C   "H5'"  H N N 61  
C   "H5''" H N N 62  
C   "H4'"  H N N 63  
C   "H3'"  H N N 64  
C   "HO3'" H N N 65  
C   "H2'"  H N N 66  
C   "HO2'" H N N 67  
C   "H1'"  H N N 68  
C   H41    H N N 69  
C   H42    H N N 70  
C   H5     H N N 71  
C   H6     H N N 72  
G   OP3    O N N 73  
G   P      P N N 74  
G   OP1    O N N 75  
G   OP2    O N N 76  
G   "O5'"  O N N 77  
G   "C5'"  C N N 78  
G   "C4'"  C N R 79  
G   "O4'"  O N N 80  
G   "C3'"  C N S 81  
G   "O3'"  O N N 82  
G   "C2'"  C N R 83  
G   "O2'"  O N N 84  
G   "C1'"  C N R 85  
G   N9     N Y N 86  
G   C8     C Y N 87  
G   N7     N Y N 88  
G   C5     C Y N 89  
G   C6     C N N 90  
G   O6     O N N 91  
G   N1     N N N 92  
G   C2     C N N 93  
G   N2     N N N 94  
G   N3     N N N 95  
G   C4     C Y N 96  
G   HOP3   H N N 97  
G   HOP2   H N N 98  
G   "H5'"  H N N 99  
G   "H5''" H N N 100 
G   "H4'"  H N N 101 
G   "H3'"  H N N 102 
G   "HO3'" H N N 103 
G   "H2'"  H N N 104 
G   "HO2'" H N N 105 
G   "H1'"  H N N 106 
G   H8     H N N 107 
G   H1     H N N 108 
G   H21    H N N 109 
G   H22    H N N 110 
HOH O      O N N 111 
HOH H1     H N N 112 
HOH H2     H N N 113 
U   OP3    O N N 114 
U   P      P N N 115 
U   OP1    O N N 116 
U   OP2    O N N 117 
U   "O5'"  O N N 118 
U   "C5'"  C N N 119 
U   "C4'"  C N R 120 
U   "O4'"  O N N 121 
U   "C3'"  C N S 122 
U   "O3'"  O N N 123 
U   "C2'"  C N R 124 
U   "O2'"  O N N 125 
U   "C1'"  C N R 126 
U   N1     N N N 127 
U   C2     C N N 128 
U   O2     O N N 129 
U   N3     N N N 130 
U   C4     C N N 131 
U   O4     O N N 132 
U   C5     C N N 133 
U   C6     C N N 134 
U   HOP3   H N N 135 
U   HOP2   H N N 136 
U   "H5'"  H N N 137 
U   "H5''" H N N 138 
U   "H4'"  H N N 139 
U   "H3'"  H N N 140 
U   "HO3'" H N N 141 
U   "H2'"  H N N 142 
U   "HO2'" H N N 143 
U   "H1'"  H N N 144 
U   H3     H N N 145 
U   H5     H N N 146 
U   H6     H N N 147 
# 
loop_
_chem_comp_bond.comp_id 
_chem_comp_bond.atom_id_1 
_chem_comp_bond.atom_id_2 
_chem_comp_bond.value_order 
_chem_comp_bond.pdbx_aromatic_flag 
_chem_comp_bond.pdbx_stereo_config 
_chem_comp_bond.pdbx_ordinal 
A   OP3   P      sing N N 1   
A   OP3   HOP3   sing N N 2   
A   P     OP1    doub N N 3   
A   P     OP2    sing N N 4   
A   P     "O5'"  sing N N 5   
A   OP2   HOP2   sing N N 6   
A   "O5'" "C5'"  sing N N 7   
A   "C5'" "C4'"  sing N N 8   
A   "C5'" "H5'"  sing N N 9   
A   "C5'" "H5''" sing N N 10  
A   "C4'" "O4'"  sing N N 11  
A   "C4'" "C3'"  sing N N 12  
A   "C4'" "H4'"  sing N N 13  
A   "O4'" "C1'"  sing N N 14  
A   "C3'" "O3'"  sing N N 15  
A   "C3'" "C2'"  sing N N 16  
A   "C3'" "H3'"  sing N N 17  
A   "O3'" "HO3'" sing N N 18  
A   "C2'" "O2'"  sing N N 19  
A   "C2'" "C1'"  sing N N 20  
A   "C2'" "H2'"  sing N N 21  
A   "O2'" "HO2'" sing N N 22  
A   "C1'" N9     sing N N 23  
A   "C1'" "H1'"  sing N N 24  
A   N9    C8     sing Y N 25  
A   N9    C4     sing Y N 26  
A   C8    N7     doub Y N 27  
A   C8    H8     sing N N 28  
A   N7    C5     sing Y N 29  
A   C5    C6     sing Y N 30  
A   C5    C4     doub Y N 31  
A   C6    N6     sing N N 32  
A   C6    N1     doub Y N 33  
A   N6    H61    sing N N 34  
A   N6    H62    sing N N 35  
A   N1    C2     sing Y N 36  
A   C2    N3     doub Y N 37  
A   C2    H2     sing N N 38  
A   N3    C4     sing Y N 39  
C   OP3   P      sing N N 40  
C   OP3   HOP3   sing N N 41  
C   P     OP1    doub N N 42  
C   P     OP2    sing N N 43  
C   P     "O5'"  sing N N 44  
C   OP2   HOP2   sing N N 45  
C   "O5'" "C5'"  sing N N 46  
C   "C5'" "C4'"  sing N N 47  
C   "C5'" "H5'"  sing N N 48  
C   "C5'" "H5''" sing N N 49  
C   "C4'" "O4'"  sing N N 50  
C   "C4'" "C3'"  sing N N 51  
C   "C4'" "H4'"  sing N N 52  
C   "O4'" "C1'"  sing N N 53  
C   "C3'" "O3'"  sing N N 54  
C   "C3'" "C2'"  sing N N 55  
C   "C3'" "H3'"  sing N N 56  
C   "O3'" "HO3'" sing N N 57  
C   "C2'" "O2'"  sing N N 58  
C   "C2'" "C1'"  sing N N 59  
C   "C2'" "H2'"  sing N N 60  
C   "O2'" "HO2'" sing N N 61  
C   "C1'" N1     sing N N 62  
C   "C1'" "H1'"  sing N N 63  
C   N1    C2     sing N N 64  
C   N1    C6     sing N N 65  
C   C2    O2     doub N N 66  
C   C2    N3     sing N N 67  
C   N3    C4     doub N N 68  
C   C4    N4     sing N N 69  
C   C4    C5     sing N N 70  
C   N4    H41    sing N N 71  
C   N4    H42    sing N N 72  
C   C5    C6     doub N N 73  
C   C5    H5     sing N N 74  
C   C6    H6     sing N N 75  
G   OP3   P      sing N N 76  
G   OP3   HOP3   sing N N 77  
G   P     OP1    doub N N 78  
G   P     OP2    sing N N 79  
G   P     "O5'"  sing N N 80  
G   OP2   HOP2   sing N N 81  
G   "O5'" "C5'"  sing N N 82  
G   "C5'" "C4'"  sing N N 83  
G   "C5'" "H5'"  sing N N 84  
G   "C5'" "H5''" sing N N 85  
G   "C4'" "O4'"  sing N N 86  
G   "C4'" "C3'"  sing N N 87  
G   "C4'" "H4'"  sing N N 88  
G   "O4'" "C1'"  sing N N 89  
G   "C3'" "O3'"  sing N N 90  
G   "C3'" "C2'"  sing N N 91  
G   "C3'" "H3'"  sing N N 92  
G   "O3'" "HO3'" sing N N 93  
G   "C2'" "O2'"  sing N N 94  
G   "C2'" "C1'"  sing N N 95  
G   "C2'" "H2'"  sing N N 96  
G   "O2'" "HO2'" sing N N 97  
G   "C1'" N9     sing N N 98  
G   "C1'" "H1'"  sing N N 99  
G   N9    C8     sing Y N 100 
G   N9    C4     sing Y N 101 
G   C8    N7     doub Y N 102 
G   C8    H8     sing N N 103 
G   N7    C5     sing Y N 104 
G   C5    C6     sing N N 105 
G   C5    C4     doub Y N 106 
G   C6    O6     doub N N 107 
G   C6    N1     sing N N 108 
G   N1    C2     sing N N 109 
G   N1    H1     sing N N 110 
G   C2    N2     sing N N 111 
G   C2    N3     doub N N 112 
G   N2    H21    sing N N 113 
G   N2    H22    sing N N 114 
G   N3    C4     sing N N 115 
HOH O     H1     sing N N 116 
HOH O     H2     sing N N 117 
U   OP3   P      sing N N 118 
U   OP3   HOP3   sing N N 119 
U   P     OP1    doub N N 120 
U   P     OP2    sing N N 121 
U   P     "O5'"  sing N N 122 
U   OP2   HOP2   sing N N 123 
U   "O5'" "C5'"  sing N N 124 
U   "C5'" "C4'"  sing N N 125 
U   "C5'" "H5'"  sing N N 126 
U   "C5'" "H5''" sing N N 127 
U   "C4'" "O4'"  sing N N 128 
U   "C4'" "C3'"  sing N N 129 
U   "C4'" "H4'"  sing N N 130 
U   "O4'" "C1'"  sing N N 131 
U   "C3'" "O3'"  sing N N 132 
U   "C3'" "C2'"  sing N N 133 
U   "C3'" "H3'"  sing N N 134 
U   "O3'" "HO3'" sing N N 135 
U   "C2'" "O2'"  sing N N 136 
U   "C2'" "C1'"  sing N N 137 
U   "C2'" "H2'"  sing N N 138 
U   "O2'" "HO2'" sing N N 139 
U   "C1'" N1     sing N N 140 
U   "C1'" "H1'"  sing N N 141 
U   N1    C2     sing N N 142 
U   N1    C6     sing N N 143 
U   C2    O2     doub N N 144 
U   C2    N3     sing N N 145 
U   N3    C4     sing N N 146 
U   N3    H3     sing N N 147 
U   C4    O4     doub N N 148 
U   C4    C5     sing N N 149 
U   C5    C6     doub N N 150 
U   C5    H5     sing N N 151 
U   C6    H6     sing N N 152 
# 
loop_
_ndb_struct_conf_na.entry_id 
_ndb_struct_conf_na.feature 
7Y2B 'a-form double helix'  
7Y2B 'mismatched base pair' 
# 
loop_
_ndb_struct_na_base_pair.model_number 
_ndb_struct_na_base_pair.i_label_asym_id 
_ndb_struct_na_base_pair.i_label_comp_id 
_ndb_struct_na_base_pair.i_label_seq_id 
_ndb_struct_na_base_pair.i_symmetry 
_ndb_struct_na_base_pair.j_label_asym_id 
_ndb_struct_na_base_pair.j_label_comp_id 
_ndb_struct_na_base_pair.j_label_seq_id 
_ndb_struct_na_base_pair.j_symmetry 
_ndb_struct_na_base_pair.shear 
_ndb_struct_na_base_pair.stretch 
_ndb_struct_na_base_pair.stagger 
_ndb_struct_na_base_pair.buckle 
_ndb_struct_na_base_pair.propeller 
_ndb_struct_na_base_pair.opening 
_ndb_struct_na_base_pair.pair_number 
_ndb_struct_na_base_pair.pair_name 
_ndb_struct_na_base_pair.i_auth_asym_id 
_ndb_struct_na_base_pair.i_auth_seq_id 
_ndb_struct_na_base_pair.i_PDB_ins_code 
_ndb_struct_na_base_pair.j_auth_asym_id 
_ndb_struct_na_base_pair.j_auth_seq_id 
_ndb_struct_na_base_pair.j_PDB_ins_code 
_ndb_struct_na_base_pair.hbond_type_28 
_ndb_struct_na_base_pair.hbond_type_12 
1 A U 1 1_555 A A 13 5_555 -0.163 -0.066 -0.062 1.655  -9.838  -2.912  1  S_U1:A13_S S 1 ? S 13 ? 20 1 
1 A U 2 1_555 A A 12 5_555 -0.029 -0.107 -0.219 8.348  -5.989  -3.450  2  S_U2:A12_S S 2 ? S 12 ? 20 1 
1 A C 3 1_555 A G 11 5_555 0.546  -0.152 -0.290 11.338 -10.394 3.499   3  S_C3:G11_S S 3 ? S 11 ? 19 1 
1 A U 4 1_555 A U 10 5_555 -2.722 -1.077 -0.403 3.243  -10.980 -24.156 4  S_U4:U10_S S 4 ? S 10 ? ?  ? 
1 A G 5 1_555 A C 9  5_555 -0.089 -0.006 0.014  2.365  -6.160  -2.115  5  S_G5:C9_S  S 5 ? S 9  ? 19 1 
1 A C 6 1_555 A G 8  5_555 0.368  -0.144 -0.022 9.824  -9.548  2.987   6  S_C6:G8_S  S 6 ? S 8  ? 19 1 
1 A U 1 5_555 A A 13 1_555 -0.163 -0.066 -0.062 1.655  -9.838  -2.912  7  S_U1:A13_S S 1 ? S 13 ? 20 1 
1 A U 2 5_555 A A 12 1_555 -0.029 -0.107 -0.219 8.348  -5.989  -3.450  8  S_U2:A12_S S 2 ? S 12 ? 20 1 
1 A C 3 5_555 A G 11 1_555 0.546  -0.152 -0.290 11.338 -10.394 3.499   9  S_C3:G11_S S 3 ? S 11 ? 19 1 
1 A U 4 5_555 A U 10 1_555 -2.722 -1.077 -0.403 3.243  -10.980 -24.156 10 S_U4:U10_S S 4 ? S 10 ? ?  ? 
1 A G 5 5_555 A C 9  1_555 -0.089 -0.006 0.014  2.365  -6.160  -2.115  11 S_G5:C9_S  S 5 ? S 9  ? 19 1 
1 A C 6 5_555 A G 8  1_555 0.368  -0.144 -0.022 9.824  -9.548  2.987   12 S_C6:G8_S  S 6 ? S 8  ? 19 1 
# 
loop_
_ndb_struct_na_base_pair_step.model_number 
_ndb_struct_na_base_pair_step.i_label_asym_id_1 
_ndb_struct_na_base_pair_step.i_label_comp_id_1 
_ndb_struct_na_base_pair_step.i_label_seq_id_1 
_ndb_struct_na_base_pair_step.i_symmetry_1 
_ndb_struct_na_base_pair_step.j_label_asym_id_1 
_ndb_struct_na_base_pair_step.j_label_comp_id_1 
_ndb_struct_na_base_pair_step.j_label_seq_id_1 
_ndb_struct_na_base_pair_step.j_symmetry_1 
_ndb_struct_na_base_pair_step.i_label_asym_id_2 
_ndb_struct_na_base_pair_step.i_label_comp_id_2 
_ndb_struct_na_base_pair_step.i_label_seq_id_2 
_ndb_struct_na_base_pair_step.i_symmetry_2 
_ndb_struct_na_base_pair_step.j_label_asym_id_2 
_ndb_struct_na_base_pair_step.j_label_comp_id_2 
_ndb_struct_na_base_pair_step.j_label_seq_id_2 
_ndb_struct_na_base_pair_step.j_symmetry_2 
_ndb_struct_na_base_pair_step.shift 
_ndb_struct_na_base_pair_step.slide 
_ndb_struct_na_base_pair_step.rise 
_ndb_struct_na_base_pair_step.tilt 
_ndb_struct_na_base_pair_step.roll 
_ndb_struct_na_base_pair_step.twist 
_ndb_struct_na_base_pair_step.x_displacement 
_ndb_struct_na_base_pair_step.y_displacement 
_ndb_struct_na_base_pair_step.helical_rise 
_ndb_struct_na_base_pair_step.inclination 
_ndb_struct_na_base_pair_step.tip 
_ndb_struct_na_base_pair_step.helical_twist 
_ndb_struct_na_base_pair_step.step_number 
_ndb_struct_na_base_pair_step.step_name 
_ndb_struct_na_base_pair_step.i_auth_asym_id_1 
_ndb_struct_na_base_pair_step.i_auth_seq_id_1 
_ndb_struct_na_base_pair_step.i_PDB_ins_code_1 
_ndb_struct_na_base_pair_step.j_auth_asym_id_1 
_ndb_struct_na_base_pair_step.j_auth_seq_id_1 
_ndb_struct_na_base_pair_step.j_PDB_ins_code_1 
_ndb_struct_na_base_pair_step.i_auth_asym_id_2 
_ndb_struct_na_base_pair_step.i_auth_seq_id_2 
_ndb_struct_na_base_pair_step.i_PDB_ins_code_2 
_ndb_struct_na_base_pair_step.j_auth_asym_id_2 
_ndb_struct_na_base_pair_step.j_auth_seq_id_2 
_ndb_struct_na_base_pair_step.j_PDB_ins_code_2 
1 A U 1 1_555 A A 13 5_555 A U 2 1_555 A A 12 5_555 -0.501 -1.469 3.164 -1.543 7.054 29.755 -4.068 0.668  2.773 13.487 2.951  
30.599 1  SS_U1U2:A12A13_SS S 1 ? S 13 ? S 2 ? S 12 ? 
1 A U 2 1_555 A A 12 5_555 A C 3 1_555 A G 11 5_555 0.784  -1.479 3.188 0.384  6.754 35.005 -3.333 -1.229 2.871 11.100 -0.632 
35.633 2  SS_U2C3:G11A12_SS S 2 ? S 12 ? S 3 ? S 11 ? 
1 A C 3 1_555 A G 11 5_555 A U 4 1_555 A U 10 5_555 -1.933 -1.966 3.464 -3.645 8.116 23.383 -6.970 3.374  2.893 19.158 8.605  
24.996 3  SS_C3U4:U10G11_SS S 3 ? S 11 ? S 4 ? S 10 ? 
1 A U 4 1_555 A U 10 5_555 A G 5 1_555 A C 9  5_555 0.379  -2.255 3.368 -6.715 6.877 36.442 -4.352 -1.423 2.801 10.769 10.515 
37.647 4  SS_U4G5:C9U10_SS  S 4 ? S 10 ? S 5 ? S 9  ? 
1 A G 5 1_555 A C 9  5_555 A C 6 1_555 A G 8  5_555 0.556  -1.748 3.102 -0.266 3.224 33.355 -3.521 -1.004 2.920 5.600  0.462  
33.507 5  SS_G5C6:G8C9_SS   S 5 ? S 9  ? S 6 ? S 8  ? 
1 A U 1 5_555 A A 13 1_555 A U 2 5_555 A A 12 1_555 -0.501 -1.469 3.164 -1.543 7.054 29.755 -4.068 0.668  2.773 13.487 2.951  
30.599 6  SS_U1U2:A12A13_SS S 1 ? S 13 ? S 2 ? S 12 ? 
1 A U 2 5_555 A A 12 1_555 A C 3 5_555 A G 11 1_555 0.784  -1.479 3.188 0.384  6.754 35.005 -3.333 -1.229 2.871 11.100 -0.632 
35.633 7  SS_U2C3:G11A12_SS S 2 ? S 12 ? S 3 ? S 11 ? 
1 A C 3 5_555 A G 11 1_555 A U 4 5_555 A U 10 1_555 -1.933 -1.966 3.464 -3.645 8.116 23.383 -6.970 3.374  2.893 19.158 8.605  
24.996 8  SS_C3U4:U10G11_SS S 3 ? S 11 ? S 4 ? S 10 ? 
1 A U 4 5_555 A U 10 1_555 A G 5 5_555 A C 9  1_555 0.379  -2.255 3.368 -6.715 6.877 36.442 -4.352 -1.423 2.801 10.769 10.515 
37.647 9  SS_U4G5:C9U10_SS  S 4 ? S 10 ? S 5 ? S 9  ? 
1 A G 5 5_555 A C 9  1_555 A C 6 5_555 A G 8  1_555 0.556  -1.748 3.102 -0.266 3.224 33.355 -3.521 -1.004 2.920 5.600  0.462  
33.507 10 SS_G5C6:G8C9_SS   S 5 ? S 9  ? S 6 ? S 8  ? 
# 
loop_
_pdbx_audit_support.funding_organization 
_pdbx_audit_support.country 
_pdbx_audit_support.grant_number 
_pdbx_audit_support.ordinal 
'Ministry of Science and Technology (MoST, Taiwan)' Taiwan 109-2628-M-005-001-MY4 1 
'Ministry of Science and Technology (MoST, Taiwan)' Taiwan 109-2311-B-005-007-MY3 2 
# 
_pdbx_entity_nonpoly.entity_id   2 
_pdbx_entity_nonpoly.name        water 
_pdbx_entity_nonpoly.comp_id     HOH 
# 
_pdbx_initial_refinement_model.id               1 
_pdbx_initial_refinement_model.entity_id_list   ? 
_pdbx_initial_refinement_model.type             'experimental model' 
_pdbx_initial_refinement_model.source_name      PDB 
_pdbx_initial_refinement_model.accession_code   1ZEV 
_pdbx_initial_refinement_model.details          ? 
# 
_pdbx_struct_assembly_auth_evidence.id                     1 
_pdbx_struct_assembly_auth_evidence.assembly_id            1 
_pdbx_struct_assembly_auth_evidence.experimental_support   none 
_pdbx_struct_assembly_auth_evidence.details                ? 
# 
